data_5HV3
#
_entry.id   5HV3
#
_cell.length_a   58.686
_cell.length_b   127.990
_cell.length_c   140.819
_cell.angle_alpha   90.00
_cell.angle_beta   90.00
_cell.angle_gamma   90.00
#
_symmetry.space_group_name_H-M   'P 2 21 21'
#
loop_
_entity.id
_entity.type
_entity.pdbx_description
1 polymer 'Phosphoenolpyruvate synthase'
2 non-polymer 'PHOSPHOAMINOPHOSPHONIC ACID-ADENYLATE ESTER'
3 non-polymer 'MAGNESIUM ION'
#
_entity_poly.entity_id   1
_entity_poly.type   'polypeptide(L)'
_entity_poly.pdbx_seq_one_letter_code
;MRGSHHHHHHGSMKPYVLKFQEIRPHSEALVGGKGMNLGACSNIEGVHVPAGFCLTTEAYKRTLAENNEFTQLLQRLSSL
KTSDMDAIREISETIRTLIQHTQIPSEIASYMDATLLDVGGYEMPFAVRSSATAEDLPHASFAGQHDTYLNIIGKDALLQ
HISMCWASLFTERAIIYRIQNQFDHRKVQLAVVIQQMISPEASGILFTADPITSNRKSLSIDASFGLGEALVSGLVSADS
YTVRENTITNKIIATKKLAIYSLKEGGTETRILEKSQQTKQTLTDQQIIQLAKLGRKIEAYFGKPQDIEWCLAEGAFYIV
QSRPITTLYPIPEVNEPGNRVYISVAHQQMMTDAMKPLGLSFYLMTTPATMYTAGGRLFVDITQSLSAKVSRDMMVNSLG
QSDPLIKDALLTVINKKGFLPPLPTEENPSHATVSGKPPVRSIPDSSSVFELVRNSENSIKHLKQSIETKSGSDLFDFIV
EDLEELKRVLFNPTSIDAIMAGMDASAWLNEHIYQWLGEKNVADKLSESAPNNITSQMYLELLDVADVIRPYPAVRAYLE
QTKNPDFMNELATLEGGAETKKALEDYLQKYGMRCAGEIDLTKTRWIENPLTLIPLILSNIKNFDSSASMHKFAQGEKEA
FHKEQEILRRLQELPDGEQKAMETKEKIDILRHFIGYREYPKYGMINRYFIYKLALLRAGEQLVKDGILQEHEDIYFLYF
EELREVVRTGQVDYELINARKRDFATFEKLTPPRILTSDGEMINGEYKRENLPKDAILGLPVSSGTVEGRARVILEMEKA
DLEDGDILVTAYTDPSWTPAFVSIKGLVTEVGGLMTHGAVIAREYGLPAVVGVENATTIIKDGQQIRINGTEGYIEILD
;
_entity_poly.pdbx_strand_id   A
#
loop_
_chem_comp.id
_chem_comp.type
_chem_comp.name
_chem_comp.formula
ANP non-polymer 'PHOSPHOAMINOPHOSPHONIC ACID-ADENYLATE ESTER' 'C10 H17 N6 O12 P3'
MG non-polymer 'MAGNESIUM ION' 'Mg 2'
#
# COMPACT_ATOMS: atom_id res chain seq x y z
N HIS A 5 28.31 -28.49 -33.05
CA HIS A 5 29.44 -28.67 -32.12
C HIS A 5 29.88 -30.20 -32.03
N HIS A 6 30.89 -30.73 -31.27
CA HIS A 6 31.60 -30.38 -29.99
C HIS A 6 30.93 -30.12 -28.64
N HIS A 7 29.62 -30.35 -28.62
CA HIS A 7 28.70 -30.79 -27.60
C HIS A 7 27.51 -31.45 -28.26
N HIS A 8 27.73 -32.06 -29.42
CA HIS A 8 26.69 -32.81 -30.14
C HIS A 8 25.37 -32.06 -30.36
N HIS A 9 25.43 -30.76 -30.59
CA HIS A 9 24.25 -29.89 -30.62
C HIS A 9 23.32 -30.26 -29.42
N HIS A 10 23.92 -30.57 -28.26
CA HIS A 10 23.22 -31.23 -27.13
C HIS A 10 22.93 -30.46 -25.82
N GLY A 11 22.90 -29.12 -25.79
CA GLY A 11 23.20 -28.20 -26.86
C GLY A 11 21.96 -27.50 -27.40
N SER A 12 21.70 -26.30 -26.87
CA SER A 12 20.50 -25.51 -27.16
C SER A 12 19.25 -26.41 -27.01
N MET A 13 18.90 -26.67 -25.74
CA MET A 13 17.80 -27.54 -25.30
C MET A 13 17.44 -27.07 -23.85
N LYS A 14 16.16 -27.17 -23.49
CA LYS A 14 15.80 -26.89 -22.10
C LYS A 14 15.89 -28.19 -21.36
N PRO A 15 16.50 -28.14 -20.16
CA PRO A 15 16.61 -29.37 -19.38
C PRO A 15 15.31 -29.69 -18.65
N TYR A 16 15.24 -30.90 -18.09
CA TYR A 16 14.05 -31.34 -17.41
C TYR A 16 14.21 -31.24 -15.91
N VAL A 17 15.46 -31.29 -15.47
CA VAL A 17 15.78 -31.33 -14.06
C VAL A 17 17.00 -30.46 -13.80
N LEU A 18 16.97 -29.67 -12.71
CA LEU A 18 18.14 -28.85 -12.32
C LEU A 18 18.41 -28.87 -10.83
N LYS A 19 19.66 -29.12 -10.47
CA LYS A 19 20.04 -29.16 -9.08
C LYS A 19 20.15 -27.75 -8.52
N PHE A 20 19.78 -27.58 -7.25
CA PHE A 20 19.92 -26.28 -6.59
C PHE A 20 21.28 -25.66 -6.88
N GLN A 21 22.27 -26.49 -7.17
CA GLN A 21 23.60 -26.00 -7.49
C GLN A 21 23.78 -25.79 -9.00
N GLU A 22 22.72 -25.90 -9.78
CA GLU A 22 22.87 -25.88 -11.24
C GLU A 22 22.04 -24.75 -11.80
N ILE A 23 21.09 -24.35 -10.98
CA ILE A 23 20.11 -23.36 -11.36
C ILE A 23 20.80 -22.06 -11.80
N ARG A 24 20.49 -21.58 -13.00
CA ARG A 24 21.24 -20.48 -13.60
C ARG A 24 20.65 -19.13 -13.12
N PRO A 25 20.88 -17.96 -13.82
CA PRO A 25 20.17 -16.84 -13.19
C PRO A 25 18.95 -16.45 -14.00
N HIS A 26 17.94 -15.87 -13.34
CA HIS A 26 16.69 -15.48 -14.00
C HIS A 26 15.99 -16.67 -14.73
N SER A 27 16.51 -17.91 -14.62
CA SER A 27 15.81 -19.11 -15.10
C SER A 27 15.16 -18.89 -13.74
N GLU A 28 13.95 -18.36 -13.71
CA GLU A 28 12.69 -18.47 -12.97
C GLU A 28 11.65 -19.07 -13.89
N ALA A 29 11.87 -18.85 -15.18
CA ALA A 29 11.00 -19.36 -16.24
C ALA A 29 11.13 -20.84 -16.42
N LEU A 30 11.98 -21.45 -15.61
CA LEU A 30 12.21 -22.88 -15.70
C LEU A 30 11.88 -23.50 -14.37
N VAL A 31 12.29 -22.86 -13.29
CA VAL A 31 12.19 -23.44 -11.96
C VAL A 31 11.33 -22.63 -11.00
N GLY A 32 10.83 -21.48 -11.47
CA GLY A 32 9.87 -20.73 -10.69
C GLY A 32 10.40 -20.05 -9.46
N GLY A 33 9.50 -19.44 -8.70
CA GLY A 33 9.88 -18.57 -7.60
C GLY A 33 10.59 -19.30 -6.51
N LYS A 34 9.88 -20.24 -5.89
CA LYS A 34 10.42 -20.98 -4.78
C LYS A 34 11.71 -21.68 -5.16
N GLY A 35 11.81 -22.07 -6.42
CA GLY A 35 13.00 -22.75 -6.91
C GLY A 35 14.23 -21.90 -7.18
N MET A 36 14.01 -20.79 -7.86
CA MET A 36 15.07 -19.86 -8.22
C MET A 36 15.70 -19.32 -6.96
N ASN A 37 14.90 -19.24 -5.91
CA ASN A 37 15.38 -18.79 -4.62
C ASN A 37 16.15 -19.86 -3.87
N LEU A 38 15.59 -21.07 -3.84
CA LEU A 38 16.26 -22.21 -3.27
C LEU A 38 17.63 -22.31 -3.88
N GLY A 39 17.68 -22.21 -5.21
CA GLY A 39 18.93 -22.26 -5.94
C GLY A 39 19.94 -21.26 -5.44
N ALA A 40 19.68 -19.99 -5.67
CA ALA A 40 20.46 -18.92 -5.10
C ALA A 40 20.77 -19.09 -3.59
N CYS A 41 19.82 -19.58 -2.82
CA CYS A 41 20.00 -19.83 -1.38
C CYS A 41 21.05 -20.88 -1.04
N SER A 42 21.28 -21.81 -1.96
CA SER A 42 22.29 -22.83 -1.81
C SER A 42 23.67 -22.21 -1.84
N ASN A 43 23.93 -21.47 -2.90
CA ASN A 43 25.17 -20.74 -3.17
C ASN A 43 25.62 -19.75 -2.07
N ILE A 44 24.83 -19.59 -1.01
CA ILE A 44 25.26 -18.78 0.12
C ILE A 44 26.26 -19.58 0.96
N GLU A 45 27.13 -18.85 1.65
CA GLU A 45 28.17 -19.43 2.47
C GLU A 45 27.75 -19.45 3.95
N GLY A 46 27.80 -20.63 4.57
CA GLY A 46 27.56 -20.74 6.00
C GLY A 46 26.10 -21.00 6.24
N VAL A 47 25.41 -21.32 5.15
CA VAL A 47 23.99 -21.61 5.20
C VAL A 47 23.75 -23.03 4.73
N HIS A 48 23.02 -23.79 5.54
CA HIS A 48 22.68 -25.15 5.17
C HIS A 48 21.30 -25.25 4.52
N VAL A 49 21.33 -25.39 3.20
CA VAL A 49 20.13 -25.76 2.48
C VAL A 49 20.23 -27.23 2.21
N PRO A 50 19.15 -27.95 2.42
CA PRO A 50 19.14 -29.36 2.02
C PRO A 50 19.36 -29.45 0.53
N ALA A 51 19.59 -30.66 0.04
CA ALA A 51 19.82 -30.75 -1.39
C ALA A 51 18.60 -31.29 -2.08
N GLY A 52 18.61 -31.00 -3.37
CA GLY A 52 17.49 -31.34 -4.19
C GLY A 52 17.63 -30.72 -5.55
N PHE A 53 16.55 -30.84 -6.31
CA PHE A 53 16.55 -30.35 -7.67
C PHE A 53 15.15 -29.84 -7.95
N CYS A 54 14.97 -29.37 -9.17
CA CYS A 54 13.65 -28.95 -9.56
C CYS A 54 13.18 -29.73 -10.77
N LEU A 55 11.97 -30.28 -10.71
CA LEU A 55 11.34 -30.68 -11.93
C LEU A 55 11.05 -29.43 -12.71
N THR A 56 11.80 -29.24 -13.79
CA THR A 56 11.62 -28.07 -14.63
C THR A 56 10.24 -27.99 -15.31
N THR A 57 9.77 -26.78 -15.57
CA THR A 57 8.48 -26.60 -16.25
C THR A 57 8.37 -27.29 -17.63
N GLU A 58 9.51 -27.54 -18.25
CA GLU A 58 9.55 -28.34 -19.46
C GLU A 58 8.76 -29.63 -19.31
N ALA A 59 8.92 -30.24 -18.13
CA ALA A 59 8.26 -31.49 -17.79
C ALA A 59 6.76 -31.31 -17.73
N TYR A 60 6.35 -30.09 -17.38
CA TYR A 60 4.93 -29.74 -17.29
C TYR A 60 4.43 -29.42 -18.65
N LYS A 61 5.24 -28.68 -19.40
CA LYS A 61 4.86 -28.28 -20.75
C LYS A 61 4.75 -29.48 -21.64
N ARG A 62 5.74 -30.36 -21.57
CA ARG A 62 5.68 -31.59 -22.33
C ARG A 62 4.66 -32.66 -22.00
N THR A 63 4.52 -32.98 -20.72
CA THR A 63 3.45 -33.85 -20.21
C THR A 63 1.99 -33.31 -20.32
N LEU A 64 1.74 -32.07 -19.91
CA LEU A 64 0.38 -31.54 -19.77
C LEU A 64 -0.22 -30.38 -20.52
N ALA A 65 0.63 -29.44 -20.93
CA ALA A 65 0.24 -28.36 -21.82
C ALA A 65 0.39 -28.69 -23.31
N GLU A 66 0.72 -29.95 -23.59
CA GLU A 66 0.87 -30.48 -24.95
C GLU A 66 -0.01 -31.72 -25.08
N ASN A 67 -1.17 -31.60 -24.43
CA ASN A 67 -2.27 -32.57 -24.48
C ASN A 67 -3.51 -31.85 -25.02
N ASN A 68 -4.15 -32.44 -26.02
CA ASN A 68 -5.25 -31.76 -26.65
C ASN A 68 -6.44 -31.73 -25.73
N GLU A 69 -6.73 -32.82 -25.04
CA GLU A 69 -7.83 -32.81 -24.12
C GLU A 69 -7.61 -31.77 -23.00
N PHE A 70 -6.35 -31.61 -22.59
CA PHE A 70 -6.01 -30.60 -21.59
C PHE A 70 -6.34 -29.17 -22.07
N THR A 71 -5.74 -28.78 -23.19
CA THR A 71 -5.89 -27.45 -23.77
C THR A 71 -7.36 -27.15 -24.08
N GLN A 72 -8.08 -28.15 -24.56
CA GLN A 72 -9.50 -27.99 -24.81
C GLN A 72 -10.23 -27.47 -23.56
N LEU A 73 -9.91 -28.08 -22.43
CA LEU A 73 -10.48 -27.74 -21.14
C LEU A 73 -10.10 -26.34 -20.65
N LEU A 74 -8.81 -26.08 -20.52
CA LEU A 74 -8.30 -24.79 -20.13
C LEU A 74 -8.95 -23.62 -20.89
N GLN A 75 -9.21 -23.87 -22.18
CA GLN A 75 -10.04 -23.02 -23.03
C GLN A 75 -11.48 -22.87 -22.52
N ARG A 76 -12.12 -23.98 -22.19
CA ARG A 76 -13.45 -24.00 -21.56
C ARG A 76 -13.48 -23.24 -20.25
N LEU A 77 -12.35 -23.25 -19.54
CA LEU A 77 -12.19 -22.56 -18.26
C LEU A 77 -11.95 -21.07 -18.47
N SER A 78 -11.12 -20.70 -19.43
CA SER A 78 -10.90 -19.29 -19.75
C SER A 78 -12.23 -18.57 -20.00
N SER A 79 -13.27 -19.34 -20.22
CA SER A 79 -14.60 -18.82 -20.38
C SER A 79 -15.26 -18.27 -19.16
N LEU A 80 -15.11 -18.96 -18.04
CA LEU A 80 -15.74 -18.58 -16.79
C LEU A 80 -15.18 -17.37 -16.01
N LYS A 81 -16.02 -16.84 -15.15
CA LYS A 81 -15.71 -15.70 -14.31
C LYS A 81 -16.03 -16.19 -12.95
N THR A 82 -15.66 -15.43 -11.93
CA THR A 82 -15.88 -15.84 -10.57
C THR A 82 -17.29 -16.05 -10.15
N SER A 83 -18.21 -15.41 -10.83
CA SER A 83 -19.61 -15.53 -10.53
C SER A 83 -20.10 -16.95 -10.69
N ASP A 84 -19.46 -17.69 -11.58
CA ASP A 84 -19.80 -19.08 -11.90
C ASP A 84 -19.12 -20.11 -11.03
N MET A 85 -19.57 -20.28 -9.80
CA MET A 85 -18.92 -21.24 -8.92
C MET A 85 -18.97 -22.72 -9.30
N ASP A 86 -20.14 -23.22 -9.66
CA ASP A 86 -20.27 -24.64 -9.97
C ASP A 86 -19.51 -25.11 -11.17
N ALA A 87 -19.46 -24.31 -12.20
CA ALA A 87 -18.77 -24.72 -13.37
C ALA A 87 -17.36 -24.86 -12.92
N ILE A 88 -16.89 -23.95 -12.08
CA ILE A 88 -15.52 -24.03 -11.63
C ILE A 88 -15.29 -25.28 -10.84
N ARG A 89 -16.20 -25.62 -9.95
CA ARG A 89 -16.04 -26.79 -9.15
C ARG A 89 -15.91 -27.96 -10.07
N GLU A 90 -16.85 -28.06 -11.00
CA GLU A 90 -16.87 -29.18 -11.90
C GLU A 90 -15.72 -29.31 -12.83
N ILE A 91 -15.35 -28.22 -13.43
CA ILE A 91 -14.29 -28.25 -14.38
C ILE A 91 -13.03 -28.51 -13.66
N SER A 92 -12.94 -28.02 -12.45
CA SER A 92 -11.76 -28.22 -11.69
C SER A 92 -11.64 -29.67 -11.40
N GLU A 93 -12.74 -30.31 -11.03
CA GLU A 93 -12.66 -31.71 -10.71
C GLU A 93 -12.16 -32.42 -11.90
N THR A 94 -12.73 -32.12 -13.05
CA THR A 94 -12.35 -32.81 -14.24
C THR A 94 -10.94 -32.61 -14.66
N ILE A 95 -10.48 -31.38 -14.62
CA ILE A 95 -9.14 -31.09 -15.03
C ILE A 95 -8.20 -31.72 -14.10
N ARG A 96 -8.55 -31.71 -12.85
CA ARG A 96 -7.68 -32.25 -11.83
C ARG A 96 -7.51 -33.72 -11.97
N THR A 97 -8.54 -34.44 -12.32
CA THR A 97 -8.40 -35.90 -12.44
C THR A 97 -7.66 -36.30 -13.69
N LEU A 98 -7.81 -35.52 -14.76
CA LEU A 98 -7.11 -35.81 -16.00
C LEU A 98 -5.61 -35.81 -15.74
N ILE A 99 -5.15 -34.95 -14.83
CA ILE A 99 -3.72 -34.83 -14.50
C ILE A 99 -3.22 -36.02 -13.68
N GLN A 100 -4.03 -36.47 -12.75
CA GLN A 100 -3.70 -37.64 -11.95
C GLN A 100 -3.91 -38.97 -12.70
N HIS A 101 -4.03 -38.89 -14.02
CA HIS A 101 -4.29 -40.05 -14.84
C HIS A 101 -3.61 -39.85 -16.17
N THR A 102 -2.68 -38.90 -16.17
CA THR A 102 -1.87 -38.63 -17.35
C THR A 102 -0.45 -38.94 -16.98
N GLN A 103 0.03 -40.11 -17.39
CA GLN A 103 1.30 -40.62 -16.90
C GLN A 103 2.45 -39.72 -17.37
N ILE A 104 3.59 -39.85 -16.72
CA ILE A 104 4.72 -39.01 -17.07
C ILE A 104 5.62 -39.81 -17.99
N PRO A 105 6.02 -39.17 -19.11
CA PRO A 105 6.91 -39.76 -20.10
C PRO A 105 8.13 -40.41 -19.46
N SER A 106 8.33 -41.67 -19.83
CA SER A 106 9.40 -42.50 -19.36
C SER A 106 10.74 -41.80 -19.50
N GLU A 107 10.85 -40.98 -20.54
CA GLU A 107 12.05 -40.18 -20.76
C GLU A 107 12.40 -39.33 -19.54
N ILE A 108 11.42 -38.56 -19.08
CA ILE A 108 11.60 -37.63 -17.96
C ILE A 108 11.76 -38.34 -16.63
N ALA A 109 10.87 -39.28 -16.38
CA ALA A 109 10.93 -40.13 -15.20
C ALA A 109 12.30 -40.86 -15.05
N SER A 110 13.16 -40.77 -16.05
CA SER A 110 14.47 -41.38 -15.99
C SER A 110 15.58 -40.37 -15.65
N TYR A 111 15.37 -39.11 -16.01
CA TYR A 111 16.25 -38.05 -15.54
C TYR A 111 16.12 -37.94 -14.06
N MET A 112 14.89 -37.99 -13.61
CA MET A 112 14.61 -37.87 -12.20
C MET A 112 15.36 -38.95 -11.44
N ASP A 113 15.06 -40.23 -11.71
CA ASP A 113 15.82 -41.36 -11.16
C ASP A 113 17.32 -41.09 -11.07
N ALA A 114 17.87 -40.57 -12.15
CA ALA A 114 19.29 -40.23 -12.20
C ALA A 114 19.88 -39.22 -11.23
N THR A 115 19.24 -38.05 -11.18
CA THR A 115 19.53 -37.00 -10.18
C THR A 115 19.14 -37.54 -8.81
N LEU A 116 17.89 -37.91 -8.63
CA LEU A 116 17.41 -38.32 -7.33
C LEU A 116 18.23 -39.46 -6.65
N LEU A 117 19.06 -40.15 -7.43
CA LEU A 117 19.97 -41.09 -6.83
C LEU A 117 21.24 -40.36 -6.38
N ASP A 118 21.36 -39.09 -6.76
CA ASP A 118 22.51 -38.27 -6.36
C ASP A 118 22.22 -37.62 -5.04
N VAL A 119 20.97 -37.63 -4.64
CA VAL A 119 20.61 -36.86 -3.47
C VAL A 119 20.30 -37.64 -2.18
N GLY A 120 20.37 -38.98 -2.13
CA GLY A 120 19.90 -39.96 -3.11
C GLY A 120 19.27 -40.92 -2.10
N GLY A 121 18.68 -42.07 -2.43
CA GLY A 121 18.10 -42.38 -3.72
C GLY A 121 16.68 -42.72 -3.35
N TYR A 122 16.08 -43.73 -3.93
CA TYR A 122 14.69 -43.99 -3.65
C TYR A 122 14.37 -44.63 -2.31
N GLU A 123 15.32 -44.66 -1.39
CA GLU A 123 14.91 -45.15 -0.10
C GLU A 123 14.82 -44.03 0.91
N MET A 124 15.30 -42.85 0.52
CA MET A 124 15.31 -41.68 1.37
C MET A 124 14.04 -40.88 1.21
N PRO A 125 13.60 -40.19 2.27
CA PRO A 125 12.35 -39.47 2.18
C PRO A 125 12.57 -38.09 1.56
N PHE A 126 11.63 -37.66 0.74
CA PHE A 126 11.74 -36.34 0.11
C PHE A 126 10.57 -35.39 0.34
N ALA A 127 10.83 -34.12 0.08
CA ALA A 127 9.78 -33.11 0.06
C ALA A 127 9.40 -32.73 -1.37
N VAL A 128 8.13 -32.95 -1.72
CA VAL A 128 7.63 -32.52 -3.02
C VAL A 128 6.89 -31.18 -2.89
N ARG A 129 7.58 -30.10 -3.28
CA ARG A 129 7.02 -28.78 -3.17
C ARG A 129 6.94 -28.11 -4.51
N SER A 130 5.90 -27.32 -4.66
CA SER A 130 5.52 -26.81 -5.95
C SER A 130 5.94 -25.37 -6.06
N SER A 131 6.78 -25.07 -7.04
CA SER A 131 7.13 -23.69 -7.32
C SER A 131 6.60 -23.33 -8.68
N ALA A 132 5.90 -22.22 -8.73
CA ALA A 132 5.15 -21.90 -9.92
C ALA A 132 5.73 -20.65 -10.55
N THR A 133 5.35 -20.46 -11.82
CA THR A 133 5.65 -19.22 -12.53
C THR A 133 4.56 -18.71 -13.47
N ALA A 134 4.57 -17.39 -13.63
CA ALA A 134 3.71 -16.71 -14.57
C ALA A 134 4.59 -16.07 -15.65
N GLU A 135 4.34 -16.47 -16.88
CA GLU A 135 5.15 -16.05 -18.00
C GLU A 135 5.26 -14.54 -18.09
N ASP A 136 6.46 -14.08 -18.41
CA ASP A 136 6.75 -12.65 -18.57
C ASP A 136 6.23 -11.84 -17.41
N LEU A 137 6.40 -12.40 -16.22
CA LEU A 137 5.96 -11.78 -14.97
C LEU A 137 6.71 -12.44 -13.82
N PRO A 138 8.02 -12.10 -13.67
CA PRO A 138 8.81 -12.75 -12.63
C PRO A 138 8.57 -12.23 -11.20
N HIS A 139 7.81 -11.16 -11.09
CA HIS A 139 7.56 -10.54 -9.79
C HIS A 139 6.11 -10.77 -9.42
N ALA A 140 5.61 -11.96 -9.72
CA ALA A 140 4.28 -12.36 -9.28
C ALA A 140 4.44 -13.45 -8.22
N SER A 141 3.54 -13.55 -7.26
CA SER A 141 3.76 -14.59 -6.25
C SER A 141 2.55 -15.47 -6.10
N PHE A 142 2.81 -16.74 -5.81
CA PHE A 142 1.74 -17.68 -5.56
C PHE A 142 1.81 -18.19 -4.14
N ALA A 143 2.27 -17.30 -3.26
CA ALA A 143 2.44 -17.67 -1.87
C ALA A 143 1.16 -18.34 -1.31
N GLY A 144 1.26 -19.64 -1.02
CA GLY A 144 0.20 -20.34 -0.33
C GLY A 144 -0.92 -20.72 -1.25
N GLN A 145 -0.62 -20.83 -2.55
CA GLN A 145 -1.66 -21.12 -3.52
C GLN A 145 -1.72 -22.59 -3.94
N HIS A 146 -0.60 -23.29 -3.86
CA HIS A 146 -0.56 -24.68 -4.30
C HIS A 146 -0.09 -25.66 -3.24
N ASP A 147 -0.29 -26.94 -3.51
CA ASP A 147 0.01 -27.99 -2.55
C ASP A 147 1.48 -28.29 -2.41
N THR A 148 1.78 -29.02 -1.35
CA THR A 148 3.12 -29.48 -1.06
C THR A 148 3.01 -30.74 -0.20
N TYR A 149 3.95 -31.68 -0.38
CA TYR A 149 3.88 -32.92 0.34
C TYR A 149 5.17 -33.22 1.04
N LEU A 150 5.04 -33.55 2.33
CA LEU A 150 6.17 -33.91 3.14
C LEU A 150 6.32 -35.43 3.33
N ASN A 151 7.58 -35.86 3.28
CA ASN A 151 7.97 -37.26 3.49
C ASN A 151 7.59 -38.36 2.52
N ILE A 152 7.77 -38.07 1.25
CA ILE A 152 7.39 -38.99 0.24
C ILE A 152 8.55 -39.91 -0.01
N ILE A 153 8.33 -41.21 0.14
CA ILE A 153 9.37 -42.17 -0.18
C ILE A 153 9.00 -43.11 -1.30
N GLY A 154 9.88 -43.20 -2.30
CA GLY A 154 9.68 -44.17 -3.35
C GLY A 154 9.30 -43.56 -4.68
N LYS A 155 9.74 -44.24 -5.75
CA LYS A 155 9.54 -43.75 -7.11
C LYS A 155 8.11 -43.75 -7.48
N ASP A 156 7.46 -44.86 -7.18
CA ASP A 156 6.06 -45.00 -7.46
C ASP A 156 5.26 -43.88 -6.81
N ALA A 157 5.79 -43.38 -5.70
CA ALA A 157 5.05 -42.46 -4.85
C ALA A 157 5.57 -41.06 -5.07
N LEU A 158 6.76 -40.96 -5.66
CA LEU A 158 7.26 -39.66 -6.05
C LEU A 158 6.50 -39.15 -7.27
N LEU A 159 6.20 -40.04 -8.20
CA LEU A 159 5.53 -39.67 -9.42
C LEU A 159 4.07 -39.40 -9.17
N GLN A 160 3.58 -40.00 -8.11
CA GLN A 160 2.19 -39.83 -7.79
C GLN A 160 2.02 -38.42 -7.32
N HIS A 161 2.99 -37.91 -6.57
CA HIS A 161 2.86 -36.62 -5.94
C HIS A 161 3.30 -35.45 -6.81
N ILE A 162 4.23 -35.69 -7.73
CA ILE A 162 4.54 -34.70 -8.73
C ILE A 162 3.25 -34.35 -9.49
N SER A 163 2.45 -35.37 -9.77
CA SER A 163 1.19 -35.20 -10.48
C SER A 163 0.13 -34.51 -9.62
N MET A 164 0.21 -34.69 -8.30
CA MET A 164 -0.75 -34.06 -7.39
C MET A 164 -0.40 -32.60 -7.16
N CYS A 165 0.85 -32.25 -7.37
CA CYS A 165 1.28 -30.85 -7.40
C CYS A 165 0.76 -30.10 -8.61
N TRP A 166 1.10 -30.54 -9.82
CA TRP A 166 0.45 -30.02 -11.01
C TRP A 166 -1.07 -29.87 -10.84
N ALA A 167 -1.69 -30.86 -10.20
CA ALA A 167 -3.13 -30.81 -9.97
C ALA A 167 -3.52 -29.65 -9.04
N SER A 168 -2.67 -29.39 -8.04
CA SER A 168 -2.87 -28.29 -7.09
C SER A 168 -2.87 -26.90 -7.74
N LEU A 169 -2.51 -26.84 -9.02
CA LEU A 169 -2.57 -25.63 -9.81
C LEU A 169 -3.99 -25.38 -10.32
N PHE A 170 -4.84 -26.42 -10.34
CA PHE A 170 -6.27 -26.29 -10.72
C PHE A 170 -7.42 -26.37 -9.71
N THR A 171 -7.08 -26.02 -8.46
CA THR A 171 -8.08 -25.99 -7.40
C THR A 171 -8.86 -24.68 -7.50
N GLU A 172 -10.17 -24.71 -7.22
CA GLU A 172 -10.99 -23.49 -7.28
C GLU A 172 -10.25 -22.33 -6.66
N ARG A 173 -9.83 -22.50 -5.41
CA ARG A 173 -9.09 -21.46 -4.70
C ARG A 173 -7.92 -20.90 -5.52
N ALA A 174 -7.21 -21.76 -6.24
CA ALA A 174 -6.10 -21.30 -7.10
C ALA A 174 -6.65 -20.65 -8.36
N ILE A 175 -7.55 -21.35 -9.06
CA ILE A 175 -8.21 -20.79 -10.24
C ILE A 175 -8.80 -19.41 -10.00
N ILE A 176 -9.73 -19.33 -9.03
CA ILE A 176 -10.39 -18.07 -8.69
C ILE A 176 -9.39 -16.96 -8.38
N TYR A 177 -8.24 -17.35 -7.83
CA TYR A 177 -7.21 -16.38 -7.50
C TYR A 177 -6.59 -15.74 -8.74
N ARG A 178 -6.54 -16.49 -9.85
CA ARG A 178 -5.95 -16.01 -11.10
C ARG A 178 -6.94 -15.13 -11.84
N ILE A 179 -8.20 -15.47 -11.71
CA ILE A 179 -9.25 -14.66 -12.26
C ILE A 179 -9.23 -13.26 -11.66
N GLN A 180 -9.12 -13.19 -10.34
CA GLN A 180 -9.09 -11.92 -9.68
C GLN A 180 -7.84 -11.12 -10.02
N ASN A 181 -6.71 -11.79 -10.21
CA ASN A 181 -5.46 -11.08 -10.50
C ASN A 181 -5.16 -11.12 -12.00
N GLN A 182 -6.14 -11.62 -12.75
CA GLN A 182 -6.08 -11.63 -14.21
C GLN A 182 -4.88 -12.33 -14.82
N PHE A 183 -4.26 -13.21 -14.05
CA PHE A 183 -3.14 -13.97 -14.55
C PHE A 183 -3.91 -14.86 -15.46
N ASP A 184 -3.27 -15.39 -16.48
CA ASP A 184 -3.97 -16.21 -17.42
C ASP A 184 -3.59 -17.62 -17.24
N HIS A 185 -4.54 -18.53 -17.23
CA HIS A 185 -4.22 -19.95 -17.11
C HIS A 185 -3.58 -20.19 -18.41
N ARG A 186 -2.84 -21.26 -18.55
CA ARG A 186 -2.14 -21.51 -19.82
C ARG A 186 -0.92 -20.64 -19.83
N LYS A 187 -0.86 -19.68 -18.93
CA LYS A 187 0.28 -18.83 -18.88
C LYS A 187 0.92 -19.09 -17.57
N VAL A 188 0.40 -20.03 -16.80
CA VAL A 188 1.03 -20.32 -15.53
C VAL A 188 1.53 -21.76 -15.57
N GLN A 189 2.80 -21.93 -15.21
CA GLN A 189 3.33 -23.27 -15.09
C GLN A 189 3.72 -23.67 -13.69
N LEU A 190 4.16 -24.90 -13.59
CA LEU A 190 4.59 -25.39 -12.32
C LEU A 190 5.86 -26.20 -12.44
N ALA A 191 6.88 -25.72 -11.75
CA ALA A 191 8.02 -26.55 -11.49
C ALA A 191 7.74 -27.31 -10.21
N VAL A 192 8.36 -28.48 -10.05
CA VAL A 192 8.27 -29.19 -8.78
C VAL A 192 9.64 -29.36 -8.11
N VAL A 193 9.73 -28.90 -6.86
CA VAL A 193 10.97 -28.98 -6.14
C VAL A 193 11.01 -30.27 -5.37
N ILE A 194 12.04 -31.07 -5.62
CA ILE A 194 12.25 -32.32 -4.91
C ILE A 194 13.41 -32.14 -3.94
N GLN A 195 13.14 -32.15 -2.64
CA GLN A 195 14.14 -31.78 -1.66
C GLN A 195 14.22 -32.77 -0.52
N GLN A 196 15.41 -32.94 0.02
CA GLN A 196 15.62 -33.85 1.14
C GLN A 196 14.84 -33.49 2.39
N MET A 197 14.25 -34.51 3.00
CA MET A 197 13.47 -34.32 4.19
C MET A 197 14.42 -34.02 5.35
N ILE A 198 13.96 -33.17 6.25
CA ILE A 198 14.65 -32.89 7.49
C ILE A 198 13.67 -33.27 8.56
N SER A 199 14.09 -34.14 9.48
CA SER A 199 13.22 -34.47 10.61
C SER A 199 13.58 -33.54 11.73
N PRO A 200 12.87 -32.39 11.82
CA PRO A 200 13.36 -31.38 12.76
C PRO A 200 12.66 -31.40 14.11
N GLU A 201 13.33 -30.87 15.13
CA GLU A 201 12.78 -30.85 16.47
C GLU A 201 11.88 -29.63 16.57
N ALA A 202 12.14 -28.68 15.67
CA ALA A 202 11.56 -27.33 15.68
C ALA A 202 11.74 -26.62 14.34
N SER A 203 10.69 -25.94 13.91
CA SER A 203 10.67 -25.27 12.62
C SER A 203 9.72 -24.08 12.68
N GLY A 204 9.99 -23.07 11.86
CA GLY A 204 9.16 -21.88 11.86
C GLY A 204 9.53 -20.81 10.86
N ILE A 205 8.87 -19.67 11.00
CA ILE A 205 9.09 -18.57 10.07
C ILE A 205 9.91 -17.48 10.74
N LEU A 206 10.63 -16.74 9.90
CA LEU A 206 11.49 -15.66 10.36
C LEU A 206 11.38 -14.49 9.37
N PHE A 207 11.32 -13.26 9.90
CA PHE A 207 11.37 -12.04 9.11
C PHE A 207 12.48 -11.16 9.57
N THR A 208 13.29 -10.71 8.63
CA THR A 208 14.38 -9.78 8.95
C THR A 208 13.96 -8.31 8.88
N ALA A 209 12.79 -7.99 9.43
CA ALA A 209 12.19 -6.65 9.47
C ALA A 209 11.34 -7.13 10.65
N ASP A 210 10.58 -6.25 11.30
CA ASP A 210 9.29 -6.38 12.04
C ASP A 210 8.06 -6.22 11.14
N PRO A 211 7.19 -7.20 11.24
CA PRO A 211 5.98 -7.36 10.47
C PRO A 211 5.10 -6.20 10.72
N ILE A 212 5.11 -5.72 11.93
CA ILE A 212 4.37 -4.54 12.28
C ILE A 212 5.47 -3.55 12.48
N THR A 213 5.36 -2.40 11.84
CA THR A 213 6.30 -1.31 11.93
C THR A 213 7.47 -1.39 11.02
N SER A 214 7.60 -2.46 10.26
CA SER A 214 8.62 -2.51 9.24
C SER A 214 9.92 -1.97 9.79
N ASN A 215 10.30 -2.29 11.01
CA ASN A 215 11.49 -1.67 11.60
C ASN A 215 12.79 -1.82 10.87
N ARG A 216 13.06 -2.94 10.29
CA ARG A 216 14.24 -3.09 9.47
C ARG A 216 15.41 -3.24 10.33
N LYS A 217 15.22 -3.00 11.61
CA LYS A 217 16.35 -3.15 12.50
C LYS A 217 16.03 -4.08 13.63
N SER A 218 15.00 -4.89 13.40
CA SER A 218 14.51 -5.81 14.40
C SER A 218 13.98 -7.02 13.65
N LEU A 219 14.37 -8.20 14.13
CA LEU A 219 14.04 -9.42 13.46
C LEU A 219 12.97 -10.08 14.27
N SER A 220 12.03 -10.75 13.63
CA SER A 220 11.03 -11.44 14.39
C SER A 220 10.98 -12.90 13.98
N ILE A 221 10.75 -13.77 14.96
CA ILE A 221 10.71 -15.22 14.76
C ILE A 221 9.39 -15.83 15.27
N ASP A 222 9.00 -16.91 14.62
CA ASP A 222 7.82 -17.70 14.95
C ASP A 222 8.27 -19.14 15.01
N ALA A 223 8.29 -19.74 16.19
CA ALA A 223 8.79 -21.09 16.27
C ALA A 223 7.81 -22.06 16.95
N SER A 224 7.95 -23.33 16.61
CA SER A 224 7.14 -24.42 17.17
C SER A 224 7.89 -25.76 17.16
N PHE A 225 7.35 -26.74 17.89
CA PHE A 225 7.84 -28.10 17.85
C PHE A 225 7.36 -28.82 16.60
N GLY A 226 8.27 -29.52 15.94
CA GLY A 226 7.88 -30.47 14.92
C GLY A 226 8.12 -30.02 13.51
N LEU A 227 7.27 -30.49 12.59
CA LEU A 227 7.41 -30.12 11.20
C LEU A 227 6.68 -28.81 10.94
N GLY A 228 7.15 -28.08 9.93
CA GLY A 228 6.63 -26.76 9.62
C GLY A 228 5.21 -26.68 9.10
N GLU A 229 4.84 -27.70 8.37
CA GLU A 229 3.56 -27.72 7.72
C GLU A 229 2.51 -27.52 8.71
N ALA A 230 2.74 -27.81 9.98
CA ALA A 230 1.71 -27.60 10.99
C ALA A 230 1.40 -26.13 11.20
N LEU A 231 2.47 -25.33 11.31
CA LEU A 231 2.35 -23.91 11.54
C LEU A 231 1.67 -23.24 10.37
N VAL A 232 2.13 -23.53 9.17
CA VAL A 232 1.52 -22.98 7.99
C VAL A 232 0.12 -23.58 7.83
N SER A 233 -0.08 -24.75 8.42
CA SER A 233 -1.30 -25.55 8.38
C SER A 233 -2.51 -24.87 8.99
N GLY A 234 -2.25 -24.06 10.01
CA GLY A 234 -3.27 -23.34 10.74
C GLY A 234 -3.57 -23.69 12.19
N LEU A 235 -3.19 -24.86 12.65
CA LEU A 235 -3.36 -25.20 14.05
C LEU A 235 -2.34 -26.25 14.12
N VAL A 236 -1.28 -26.19 14.92
CA VAL A 236 -0.86 -25.37 16.05
C VAL A 236 -0.47 -23.93 16.05
N SER A 237 -0.32 -23.43 17.28
CA SER A 237 0.10 -22.10 17.62
C SER A 237 1.60 -22.09 17.52
N ALA A 238 2.21 -20.99 17.91
CA ALA A 238 3.63 -20.83 17.83
C ALA A 238 4.18 -19.91 18.87
N ASP A 239 5.50 -19.89 18.95
CA ASP A 239 6.28 -19.11 19.89
C ASP A 239 6.76 -17.90 19.16
N SER A 240 6.70 -16.71 19.74
CA SER A 240 7.17 -15.52 19.04
C SER A 240 8.33 -14.79 19.73
N TYR A 241 9.47 -14.71 19.09
CA TYR A 241 10.61 -14.03 19.64
C TYR A 241 10.93 -12.81 18.77
N THR A 242 11.41 -11.75 19.41
CA THR A 242 11.82 -10.57 18.66
C THR A 242 13.23 -10.21 19.06
N VAL A 243 14.10 -9.99 18.10
CA VAL A 243 15.49 -9.70 18.39
C VAL A 243 15.98 -8.40 17.80
N ARG A 244 16.46 -7.48 18.62
CA ARG A 244 16.96 -6.23 18.09
C ARG A 244 18.41 -6.19 18.38
N GLU A 245 19.19 -6.01 17.35
CA GLU A 245 20.62 -6.04 17.50
C GLU A 245 20.74 -7.43 18.02
N ASN A 246 21.64 -7.67 18.94
CA ASN A 246 21.94 -9.01 19.36
C ASN A 246 21.26 -9.31 20.64
N THR A 247 20.23 -8.55 20.95
CA THR A 247 19.52 -8.75 22.17
C THR A 247 18.13 -9.22 21.95
N ILE A 248 17.74 -10.27 22.67
CA ILE A 248 16.40 -10.77 22.60
C ILE A 248 15.68 -9.66 23.30
N THR A 249 14.48 -9.32 22.90
CA THR A 249 13.79 -8.15 23.50
C THR A 249 12.28 -8.32 23.68
N ASN A 250 11.80 -9.56 23.52
CA ASN A 250 10.41 -9.89 23.74
C ASN A 250 10.52 -11.41 23.73
N LYS A 251 9.65 -12.07 24.49
CA LYS A 251 9.39 -13.48 24.35
C LYS A 251 7.94 -13.81 24.66
N ILE A 252 7.16 -14.04 23.63
CA ILE A 252 5.83 -14.53 23.84
C ILE A 252 5.89 -16.04 23.75
N ILE A 253 5.58 -16.71 24.86
CA ILE A 253 5.58 -18.15 24.87
C ILE A 253 4.18 -18.66 24.72
N ALA A 254 3.96 -19.52 23.73
CA ALA A 254 2.60 -19.93 23.46
C ALA A 254 2.32 -21.34 23.95
N THR A 255 1.05 -21.73 23.87
CA THR A 255 0.66 -23.08 24.21
C THR A 255 0.60 -23.95 22.94
N LYS A 256 1.75 -24.49 22.56
CA LYS A 256 1.80 -25.43 21.44
C LYS A 256 1.33 -26.80 21.89
N LYS A 257 0.07 -27.12 21.58
CA LYS A 257 -0.51 -28.38 22.01
C LYS A 257 -0.51 -29.46 20.93
N LEU A 258 0.25 -29.23 19.86
CA LEU A 258 0.30 -30.17 18.75
C LEU A 258 1.63 -30.12 18.00
N ALA A 259 1.98 -31.26 17.41
CA ALA A 259 3.16 -31.30 16.58
C ALA A 259 3.07 -32.39 15.59
N ILE A 260 3.92 -32.25 14.60
CA ILE A 260 3.79 -33.12 13.49
C ILE A 260 5.13 -33.74 13.21
N TYR A 261 5.09 -35.06 13.15
CA TYR A 261 6.30 -35.80 12.96
C TYR A 261 6.17 -36.78 11.82
N SER A 262 7.34 -37.06 11.25
CA SER A 262 7.56 -37.98 10.17
C SER A 262 7.26 -39.44 10.51
N LEU A 263 6.81 -40.20 9.52
CA LEU A 263 6.73 -41.65 9.68
C LEU A 263 7.88 -42.36 8.98
N LYS A 264 8.43 -43.40 9.61
CA LYS A 264 9.59 -44.11 9.08
C LYS A 264 9.39 -44.57 7.65
N GLU A 265 8.12 -44.78 7.30
CA GLU A 265 7.71 -45.34 6.03
C GLU A 265 6.81 -44.40 5.24
N GLY A 266 7.12 -43.12 5.31
CA GLY A 266 6.47 -42.12 4.52
C GLY A 266 5.23 -41.57 5.17
N GLY A 267 5.03 -40.29 4.95
CA GLY A 267 3.85 -39.65 5.48
C GLY A 267 4.22 -38.88 6.73
N THR A 268 3.18 -38.63 7.51
CA THR A 268 3.22 -37.60 8.52
C THR A 268 2.09 -37.83 9.49
N GLU A 269 2.39 -37.76 10.78
CA GLU A 269 1.30 -37.87 11.74
C GLU A 269 1.26 -36.70 12.70
N THR A 270 0.10 -36.48 13.33
CA THR A 270 -0.07 -35.38 14.28
C THR A 270 -0.21 -35.87 15.74
N ARG A 271 0.71 -35.45 16.59
CA ARG A 271 0.73 -35.83 18.00
C ARG A 271 0.27 -34.76 18.98
N ILE A 272 -0.71 -35.04 19.85
CA ILE A 272 -0.94 -34.12 20.95
C ILE A 272 0.33 -34.08 21.78
N LEU A 273 0.58 -32.99 22.48
CA LEU A 273 1.78 -32.92 23.28
C LEU A 273 1.47 -32.97 24.78
N GLU A 274 2.31 -33.69 25.50
CA GLU A 274 2.22 -33.77 26.95
C GLU A 274 2.16 -32.36 27.53
N LYS A 275 1.26 -32.13 28.47
CA LYS A 275 1.07 -30.79 29.02
C LYS A 275 2.37 -30.05 29.40
N SER A 276 3.27 -30.70 30.09
CA SER A 276 4.45 -30.00 30.46
C SER A 276 5.10 -29.46 29.22
N GLN A 277 4.99 -30.19 28.14
CA GLN A 277 5.57 -29.79 26.87
C GLN A 277 5.01 -28.51 26.26
N GLN A 278 3.72 -28.32 26.36
CA GLN A 278 3.07 -27.19 25.71
C GLN A 278 3.39 -25.79 26.11
N THR A 279 4.12 -25.60 27.18
CA THR A 279 4.56 -24.25 27.54
C THR A 279 6.04 -24.07 27.45
N LYS A 280 6.73 -24.95 26.78
CA LYS A 280 8.16 -24.84 26.66
C LYS A 280 8.66 -23.80 25.64
N GLN A 281 9.79 -23.16 25.92
CA GLN A 281 10.36 -22.20 25.00
C GLN A 281 11.11 -22.96 23.91
N THR A 282 10.38 -23.31 22.86
CA THR A 282 10.87 -24.01 21.67
C THR A 282 12.17 -23.72 20.93
N LEU A 283 12.77 -22.56 21.20
CA LEU A 283 14.16 -22.27 21.04
C LEU A 283 14.80 -21.79 22.35
N THR A 284 16.09 -22.08 22.52
CA THR A 284 16.76 -21.53 23.69
C THR A 284 17.48 -20.25 23.28
N ASP A 285 17.43 -19.25 24.15
CA ASP A 285 17.98 -17.92 23.88
C ASP A 285 19.33 -17.87 23.14
N GLN A 286 20.16 -18.91 23.32
CA GLN A 286 21.37 -19.03 22.53
C GLN A 286 21.07 -19.38 21.08
N GLN A 287 20.01 -20.16 20.87
CA GLN A 287 19.55 -20.52 19.53
C GLN A 287 18.77 -19.39 18.86
N ILE A 288 17.98 -18.66 19.64
CA ILE A 288 17.27 -17.53 19.12
C ILE A 288 18.26 -16.57 18.49
N ILE A 289 19.34 -16.25 19.20
CA ILE A 289 20.30 -15.36 18.60
C ILE A 289 21.02 -16.05 17.46
N GLN A 290 21.42 -17.29 17.67
CA GLN A 290 22.19 -18.01 16.66
C GLN A 290 21.46 -18.07 15.34
N LEU A 291 20.14 -18.11 15.48
CA LEU A 291 19.18 -18.07 14.38
C LEU A 291 19.08 -16.67 13.79
N ALA A 292 18.89 -15.65 14.62
CA ALA A 292 18.78 -14.27 14.11
C ALA A 292 19.99 -13.91 13.26
N LYS A 293 21.18 -14.32 13.70
CA LYS A 293 22.41 -14.06 12.96
C LYS A 293 22.35 -14.55 11.51
N LEU A 294 21.86 -15.75 11.36
CA LEU A 294 21.59 -16.32 10.06
C LEU A 294 20.73 -15.43 9.18
N GLY A 295 19.48 -15.21 9.59
CA GLY A 295 18.57 -14.31 8.89
C GLY A 295 19.18 -12.99 8.46
N ARG A 296 20.06 -12.46 9.29
CA ARG A 296 20.79 -11.28 8.93
C ARG A 296 21.77 -11.53 7.80
N LYS A 297 22.37 -12.71 7.75
CA LYS A 297 23.41 -12.97 6.74
C LYS A 297 22.77 -13.07 5.37
N ILE A 298 21.72 -13.88 5.33
CA ILE A 298 20.92 -14.05 4.14
C ILE A 298 20.46 -12.70 3.59
N GLU A 299 19.87 -11.89 4.44
CA GLU A 299 19.40 -10.58 4.05
C GLU A 299 20.49 -9.76 3.41
N ALA A 300 21.73 -10.03 3.83
CA ALA A 300 22.88 -9.31 3.31
C ALA A 300 23.28 -9.80 1.93
N TYR A 301 23.05 -11.08 1.68
CA TYR A 301 23.38 -11.71 0.41
C TYR A 301 22.37 -11.28 -0.66
N PHE A 302 21.15 -10.93 -0.24
CA PHE A 302 20.09 -10.64 -1.20
C PHE A 302 19.96 -9.14 -1.37
N GLY A 303 20.26 -8.43 -0.28
CA GLY A 303 20.21 -6.98 -0.27
C GLY A 303 18.82 -6.41 0.02
N LYS A 304 17.89 -7.27 0.41
CA LYS A 304 16.61 -6.80 0.87
C LYS A 304 16.06 -7.71 1.97
N PRO A 305 15.12 -7.15 2.79
CA PRO A 305 14.49 -7.98 3.83
C PRO A 305 13.81 -9.24 3.26
N GLN A 306 14.10 -10.34 3.92
CA GLN A 306 13.67 -11.63 3.46
C GLN A 306 12.68 -12.27 4.45
N ASP A 307 11.93 -13.24 3.91
CA ASP A 307 10.94 -14.08 4.60
C ASP A 307 11.44 -15.54 4.57
N ILE A 308 11.68 -16.13 5.73
CA ILE A 308 12.41 -17.37 5.76
C ILE A 308 11.73 -18.52 6.50
N GLU A 309 11.64 -19.66 5.85
CA GLU A 309 11.32 -20.92 6.50
C GLU A 309 12.54 -21.73 6.95
N TRP A 310 12.64 -22.02 8.26
CA TRP A 310 13.79 -22.75 8.83
C TRP A 310 13.48 -24.03 9.66
N CYS A 311 14.50 -24.89 9.78
CA CYS A 311 14.43 -26.15 10.52
C CYS A 311 15.56 -26.34 11.52
N LEU A 312 15.23 -26.93 12.68
CA LEU A 312 16.21 -27.23 13.74
C LEU A 312 16.34 -28.73 14.00
N ALA A 313 17.46 -29.29 13.56
CA ALA A 313 17.66 -30.73 13.61
C ALA A 313 19.04 -31.05 14.18
N GLU A 314 19.08 -31.39 15.48
CA GLU A 314 20.32 -31.62 16.20
C GLU A 314 21.18 -30.36 16.21
N GLY A 315 20.77 -29.35 16.99
CA GLY A 315 21.49 -28.08 17.05
C GLY A 315 21.17 -27.32 15.77
N ALA A 316 21.46 -27.93 14.62
CA ALA A 316 21.72 -27.33 13.33
C ALA A 316 20.47 -26.63 12.78
N PHE A 317 20.67 -25.47 12.15
CA PHE A 317 19.60 -24.78 11.45
C PHE A 317 19.71 -25.00 9.95
N TYR A 318 18.58 -25.40 9.36
CA TYR A 318 18.53 -25.55 7.91
C TYR A 318 17.55 -24.56 7.35
N ILE A 319 17.98 -23.90 6.27
CA ILE A 319 17.13 -22.96 5.55
C ILE A 319 16.43 -23.75 4.46
N VAL A 320 15.13 -23.63 4.39
CA VAL A 320 14.40 -24.52 3.49
C VAL A 320 13.54 -23.77 2.47
N GLN A 321 13.64 -22.45 2.55
CA GLN A 321 12.97 -21.48 1.69
C GLN A 321 13.60 -20.13 2.00
N SER A 322 13.50 -19.20 1.07
CA SER A 322 13.68 -17.78 1.31
C SER A 322 12.84 -17.05 0.24
N ARG A 323 12.68 -15.75 0.43
CA ARG A 323 11.68 -14.97 -0.28
C ARG A 323 12.14 -13.59 0.11
N PRO A 324 11.64 -12.57 -0.63
CA PRO A 324 11.67 -11.19 -0.12
C PRO A 324 10.38 -10.80 0.57
N ILE A 325 10.39 -9.68 1.30
CA ILE A 325 9.16 -9.11 1.81
C ILE A 325 8.58 -8.06 0.86
N THR A 326 7.29 -8.15 0.57
CA THR A 326 6.77 -7.25 -0.42
C THR A 326 5.98 -6.07 0.11
N THR A 327 5.84 -5.99 1.42
CA THR A 327 4.87 -5.06 2.03
C THR A 327 5.49 -3.85 2.70
N LEU A 328 6.79 -3.65 2.46
CA LEU A 328 7.53 -2.60 3.12
C LEU A 328 7.47 -1.28 2.37
N TYR A 329 7.09 -0.23 3.08
CA TYR A 329 7.17 1.07 2.46
C TYR A 329 8.63 1.42 2.42
N PRO A 330 9.14 1.83 1.21
CA PRO A 330 10.59 2.03 1.10
C PRO A 330 11.13 3.27 1.84
N ILE A 331 12.47 3.44 1.75
CA ILE A 331 13.16 4.48 2.48
C ILE A 331 13.93 5.33 1.55
N PRO A 332 13.78 6.65 1.70
CA PRO A 332 14.51 7.56 0.81
C PRO A 332 16.01 7.34 0.94
N GLU A 333 16.77 7.55 -0.14
CA GLU A 333 18.20 7.46 0.01
C GLU A 333 18.72 8.85 0.38
N VAL A 334 18.73 9.11 1.68
CA VAL A 334 19.33 10.33 2.18
C VAL A 334 20.77 10.03 2.60
N ASN A 335 21.71 10.76 2.02
CA ASN A 335 23.10 10.51 2.34
C ASN A 335 23.49 11.39 3.50
N GLU A 336 22.88 11.11 4.65
CA GLU A 336 23.11 11.89 5.85
C GLU A 336 23.08 10.97 7.01
N PRO A 337 24.16 10.94 7.79
CA PRO A 337 24.36 9.90 8.78
C PRO A 337 23.36 9.99 9.91
N GLY A 338 23.23 8.90 10.66
CA GLY A 338 22.45 8.87 11.87
C GLY A 338 20.97 8.61 11.74
N ASN A 339 20.28 8.74 12.86
CA ASN A 339 18.86 8.48 12.97
C ASN A 339 18.02 9.67 12.57
N ARG A 340 17.31 9.55 11.46
CA ARG A 340 16.62 10.72 10.90
C ARG A 340 15.10 10.57 10.84
N VAL A 341 14.41 11.69 10.86
CA VAL A 341 12.95 11.64 10.85
C VAL A 341 12.34 12.36 9.66
N TYR A 342 11.62 11.66 8.83
CA TYR A 342 11.03 12.29 7.69
C TYR A 342 9.55 12.44 7.92
N ILE A 343 8.97 13.56 7.52
CA ILE A 343 7.57 13.80 7.69
C ILE A 343 6.91 13.85 6.33
N SER A 344 5.79 13.21 6.21
CA SER A 344 5.09 13.14 4.96
C SER A 344 4.42 14.39 4.60
N VAL A 345 4.70 14.91 3.42
CA VAL A 345 4.07 16.09 2.91
C VAL A 345 2.85 15.66 2.13
N ALA A 346 2.69 14.36 2.03
CA ALA A 346 1.57 13.72 1.37
C ALA A 346 0.40 13.98 2.27
N HIS A 347 0.62 13.71 3.54
CA HIS A 347 -0.41 13.82 4.54
C HIS A 347 -0.73 15.26 4.83
N GLN A 348 0.29 16.09 4.86
CA GLN A 348 0.07 17.52 4.94
C GLN A 348 -0.78 18.01 3.78
N GLN A 349 -0.33 17.77 2.56
CA GLN A 349 -1.08 18.22 1.40
C GLN A 349 -2.43 17.52 1.29
N MET A 350 -2.69 16.55 2.14
CA MET A 350 -3.88 15.70 2.03
C MET A 350 -4.02 15.10 0.63
N MET A 351 -3.07 14.23 0.28
CA MET A 351 -3.06 13.49 -0.98
C MET A 351 -2.86 12.01 -0.75
N THR A 352 -1.64 11.65 -0.35
CA THR A 352 -1.25 10.27 -0.08
C THR A 352 -1.96 9.30 -1.01
N ASP A 353 -2.05 9.58 -2.32
CA ASP A 353 -1.93 8.78 -3.55
C ASP A 353 -0.50 8.85 -4.07
N ALA A 354 -0.04 7.79 -4.75
CA ALA A 354 1.28 7.82 -5.34
C ALA A 354 1.27 8.87 -6.41
N MET A 355 2.45 9.36 -6.74
CA MET A 355 2.58 10.40 -7.71
C MET A 355 3.48 9.86 -8.77
N LYS A 356 3.17 10.15 -10.02
CA LYS A 356 3.97 9.68 -11.09
C LYS A 356 5.17 10.55 -11.18
N PRO A 357 6.23 10.07 -11.94
CA PRO A 357 7.40 10.93 -12.00
C PRO A 357 7.31 12.31 -12.60
N LEU A 358 6.61 12.54 -13.67
CA LEU A 358 6.56 13.88 -14.22
C LEU A 358 5.98 14.82 -13.19
N GLY A 359 4.97 14.39 -12.49
CA GLY A 359 4.34 15.18 -11.45
C GLY A 359 5.23 15.44 -10.30
N LEU A 360 6.02 14.46 -9.94
CA LEU A 360 6.97 14.59 -8.85
C LEU A 360 8.06 15.55 -9.18
N SER A 361 8.41 15.64 -10.45
CA SER A 361 9.45 16.53 -10.87
C SER A 361 9.03 17.92 -10.64
N PHE A 362 7.82 18.24 -11.03
CA PHE A 362 7.28 19.56 -10.90
C PHE A 362 7.10 20.10 -9.51
N TYR A 363 6.67 19.26 -8.61
CA TYR A 363 6.50 19.65 -7.25
C TYR A 363 7.87 19.97 -6.78
N LEU A 364 8.83 19.15 -7.16
CA LEU A 364 10.23 19.36 -6.77
C LEU A 364 10.82 20.62 -7.40
N MET A 365 10.73 20.77 -8.70
CA MET A 365 11.33 21.94 -9.27
C MET A 365 10.72 23.27 -8.98
N THR A 366 9.74 23.39 -8.11
CA THR A 366 9.18 24.72 -7.86
C THR A 366 9.42 25.13 -6.43
N THR A 367 9.44 24.19 -5.50
CA THR A 367 9.84 24.51 -4.14
C THR A 367 11.34 24.59 -4.10
N PRO A 368 11.87 25.42 -3.18
CA PRO A 368 13.33 25.39 -3.05
C PRO A 368 13.77 24.57 -1.85
N ALA A 369 12.83 24.16 -1.01
CA ALA A 369 13.11 23.24 0.10
C ALA A 369 13.62 21.90 -0.44
N THR A 370 14.31 21.17 0.41
CA THR A 370 14.88 19.92 -0.04
C THR A 370 14.03 18.74 0.43
N MET A 371 13.44 18.07 -0.54
CA MET A 371 12.55 16.97 -0.25
C MET A 371 13.07 15.68 -0.80
N TYR A 372 12.55 14.60 -0.27
CA TYR A 372 12.90 13.29 -0.73
C TYR A 372 11.71 12.54 -1.28
N THR A 373 12.02 11.64 -2.21
CA THR A 373 11.03 10.74 -2.72
C THR A 373 11.22 9.38 -2.12
N ALA A 374 10.11 8.79 -1.73
CA ALA A 374 10.07 7.43 -1.23
C ALA A 374 8.69 6.90 -1.51
N GLY A 375 8.62 5.76 -2.19
CA GLY A 375 7.34 5.11 -2.31
C GLY A 375 6.40 5.83 -3.24
N GLY A 376 6.93 6.81 -3.97
CA GLY A 376 6.15 7.55 -4.94
C GLY A 376 5.53 8.77 -4.32
N ARG A 377 5.74 8.98 -3.02
CA ARG A 377 5.28 10.18 -2.36
C ARG A 377 6.42 11.06 -1.89
N LEU A 378 6.10 12.21 -1.29
CA LEU A 378 7.12 13.17 -0.91
C LEU A 378 7.27 13.27 0.58
N PHE A 379 8.51 13.45 1.02
CA PHE A 379 8.82 13.57 2.43
C PHE A 379 9.78 14.74 2.70
N VAL A 380 9.70 15.34 3.87
CA VAL A 380 10.69 16.35 4.25
C VAL A 380 11.49 15.85 5.45
N ASP A 381 12.81 15.92 5.36
CA ASP A 381 13.68 15.56 6.48
C ASP A 381 13.59 16.68 7.52
N ILE A 382 13.24 16.34 8.76
CA ILE A 382 13.06 17.37 9.80
C ILE A 382 13.94 17.08 11.00
N THR A 383 15.03 16.37 10.76
CA THR A 383 15.83 15.83 11.82
C THR A 383 16.58 16.91 12.58
N GLN A 384 17.13 17.87 11.86
CA GLN A 384 17.87 18.94 12.54
C GLN A 384 16.99 19.86 13.41
N SER A 385 15.78 20.14 12.95
CA SER A 385 14.82 20.89 13.77
C SER A 385 14.60 20.25 15.12
N LEU A 386 14.81 18.95 15.20
CA LEU A 386 14.51 18.23 16.42
C LEU A 386 15.68 18.23 17.39
N SER A 387 16.86 18.65 16.94
CA SER A 387 18.04 18.69 17.81
C SER A 387 17.94 19.83 18.83
N ALA A 388 18.06 21.07 18.35
CA ALA A 388 17.94 22.25 19.20
C ALA A 388 16.50 22.37 19.72
N LYS A 389 16.35 22.42 21.04
CA LYS A 389 15.02 22.38 21.61
C LYS A 389 14.29 23.66 21.29
N VAL A 390 15.05 24.75 21.21
CA VAL A 390 14.46 26.06 20.95
C VAL A 390 13.63 25.96 19.68
N SER A 391 13.94 24.94 18.89
CA SER A 391 13.33 24.73 17.60
C SER A 391 12.48 23.47 17.56
N ARG A 392 12.74 22.54 18.48
CA ARG A 392 11.93 21.33 18.53
C ARG A 392 10.52 21.72 18.87
N ASP A 393 10.34 22.29 20.07
CA ASP A 393 9.06 22.80 20.53
C ASP A 393 8.56 23.81 19.51
N MET A 394 9.47 24.63 19.04
CA MET A 394 9.16 25.61 18.01
C MET A 394 8.54 24.96 16.78
N MET A 395 8.78 23.66 16.64
CA MET A 395 8.21 22.88 15.57
C MET A 395 6.92 22.30 16.03
N VAL A 396 7.00 21.31 16.92
CA VAL A 396 5.82 20.53 17.32
C VAL A 396 4.64 21.43 17.65
N ASN A 397 4.92 22.67 18.04
CA ASN A 397 3.88 23.63 18.32
C ASN A 397 3.16 24.05 17.06
N SER A 398 3.92 24.21 15.99
CA SER A 398 3.36 24.57 14.68
C SER A 398 2.49 23.47 14.11
N LEU A 399 2.98 22.24 14.13
CA LEU A 399 2.21 21.10 13.66
C LEU A 399 1.05 20.86 14.60
N GLY A 400 1.32 20.95 15.90
CA GLY A 400 0.27 20.85 16.91
C GLY A 400 -1.02 21.60 16.58
N GLN A 401 -0.90 22.67 15.79
CA GLN A 401 -2.04 23.48 15.36
C GLN A 401 -2.74 23.10 14.06
N SER A 402 -1.93 22.81 13.05
CA SER A 402 -2.43 22.21 11.84
C SER A 402 -1.74 20.88 11.76
N ASP A 403 -2.37 19.90 11.14
CA ASP A 403 -1.76 18.60 11.07
C ASP A 403 -1.58 18.13 12.50
N PRO A 404 -2.68 18.32 13.32
CA PRO A 404 -2.48 17.91 14.71
C PRO A 404 -2.17 16.46 14.78
N LEU A 405 -2.77 15.68 13.92
CA LEU A 405 -2.50 14.26 13.93
C LEU A 405 -1.04 13.97 13.62
N ILE A 406 -0.43 14.76 12.75
CA ILE A 406 0.96 14.50 12.39
C ILE A 406 1.79 14.63 13.61
N LYS A 407 1.46 15.57 14.46
CA LYS A 407 2.23 15.77 15.67
C LYS A 407 2.26 14.61 16.61
N ASP A 408 1.14 13.95 16.82
CA ASP A 408 1.09 12.87 17.77
C ASP A 408 2.09 11.87 17.38
N ALA A 409 2.17 11.62 16.10
CA ALA A 409 3.11 10.66 15.60
C ALA A 409 4.45 11.15 15.94
N LEU A 410 4.62 12.45 15.79
CA LEU A 410 5.92 13.02 16.03
C LEU A 410 6.36 12.86 17.43
N LEU A 411 5.47 13.10 18.36
CA LEU A 411 5.85 13.03 19.72
C LEU A 411 6.33 11.67 20.09
N THR A 412 5.73 10.64 19.57
CA THR A 412 6.19 9.30 19.93
C THR A 412 7.64 9.12 19.46
N VAL A 413 8.01 9.82 18.40
CA VAL A 413 9.40 9.77 17.94
C VAL A 413 10.28 10.45 18.98
N ILE A 414 9.79 11.60 19.44
CA ILE A 414 10.54 12.51 20.30
C ILE A 414 11.05 11.80 21.55
N ASN A 415 10.29 10.84 22.06
CA ASN A 415 10.71 10.09 23.24
C ASN A 415 10.81 8.56 23.07
N LYS A 416 11.32 8.11 21.92
CA LYS A 416 11.82 6.74 21.81
C LYS A 416 13.18 6.64 22.49
N LYS A 417 13.74 7.82 22.77
CA LYS A 417 14.94 8.00 23.60
C LYS A 417 16.13 7.35 22.86
N GLY A 418 16.05 6.05 22.60
CA GLY A 418 17.14 5.35 21.94
C GLY A 418 17.46 6.02 20.61
N PHE A 419 16.46 6.67 20.04
CA PHE A 419 16.58 7.23 18.69
C PHE A 419 17.36 8.55 18.52
N LEU A 420 17.09 9.54 19.37
CA LEU A 420 17.67 10.87 19.19
C LEU A 420 17.75 11.63 20.51
N PRO A 421 18.72 12.56 20.69
CA PRO A 421 19.73 13.03 19.73
C PRO A 421 20.69 11.95 19.27
N SER A 442 4.79 42.54 10.57
CA SER A 442 5.52 43.50 9.75
C SER A 442 4.69 44.02 8.58
N ILE A 443 4.05 43.06 7.90
CA ILE A 443 2.80 43.24 7.14
C ILE A 443 2.11 43.96 5.98
N PRO A 444 2.38 43.53 4.75
CA PRO A 444 2.22 44.39 3.57
C PRO A 444 0.88 45.10 3.67
N ASP A 445 0.72 46.18 2.91
CA ASP A 445 -0.45 47.03 3.04
C ASP A 445 -1.64 46.49 2.31
N SER A 446 -2.78 47.15 2.46
CA SER A 446 -4.03 46.62 1.93
C SER A 446 -4.15 46.63 0.41
N SER A 447 -3.31 47.43 -0.25
CA SER A 447 -3.21 47.38 -1.70
C SER A 447 -2.56 46.09 -2.17
N SER A 448 -1.91 45.39 -1.25
CA SER A 448 -1.07 44.26 -1.62
C SER A 448 -1.84 43.10 -2.24
N VAL A 449 -2.70 42.49 -1.42
CA VAL A 449 -3.55 41.37 -1.81
C VAL A 449 -4.13 41.57 -3.21
N PHE A 450 -4.74 42.73 -3.44
CA PHE A 450 -5.20 43.11 -4.78
C PHE A 450 -4.16 42.98 -5.88
N GLU A 451 -3.08 43.75 -5.77
CA GLU A 451 -2.00 43.75 -6.78
C GLU A 451 -1.56 42.33 -7.03
N LEU A 452 -1.19 41.67 -5.94
CA LEU A 452 -0.77 40.29 -6.00
C LEU A 452 -1.62 39.38 -6.88
N VAL A 453 -2.93 39.39 -6.65
CA VAL A 453 -3.89 38.56 -7.40
C VAL A 453 -4.01 38.99 -8.85
N ARG A 454 -3.92 40.29 -9.09
CA ARG A 454 -4.03 40.80 -10.45
C ARG A 454 -2.91 40.30 -11.32
N ASN A 455 -1.69 40.42 -10.81
CA ASN A 455 -0.52 40.13 -11.62
C ASN A 455 -0.38 38.64 -11.85
N SER A 456 -0.84 37.86 -10.89
CA SER A 456 -0.97 36.44 -11.12
C SER A 456 -1.90 36.19 -12.28
N GLU A 457 -3.03 36.92 -12.31
CA GLU A 457 -3.97 36.78 -13.42
C GLU A 457 -3.30 37.16 -14.74
N ASN A 458 -2.65 38.33 -14.77
CA ASN A 458 -2.06 38.83 -16.01
C ASN A 458 -0.91 37.96 -16.51
N SER A 459 -0.11 37.48 -15.56
CA SER A 459 0.97 36.56 -15.87
C SER A 459 0.44 35.33 -16.57
N ILE A 460 -0.75 34.91 -16.14
CA ILE A 460 -1.31 33.67 -16.65
C ILE A 460 -1.89 33.89 -18.04
N LYS A 461 -2.24 35.13 -18.36
CA LYS A 461 -2.77 35.40 -19.70
C LYS A 461 -1.65 35.41 -20.74
N HIS A 462 -0.50 35.99 -20.42
CA HIS A 462 0.63 35.88 -21.35
C HIS A 462 1.00 34.45 -21.52
N LEU A 463 1.15 33.76 -20.40
CA LEU A 463 1.51 32.36 -20.46
C LEU A 463 0.59 31.63 -21.40
N LYS A 464 -0.71 31.93 -21.35
CA LYS A 464 -1.66 31.24 -22.22
C LYS A 464 -1.32 31.54 -23.67
N GLN A 465 -1.32 32.83 -24.04
CA GLN A 465 -0.97 33.25 -25.39
C GLN A 465 0.45 32.74 -25.84
N SER A 466 1.43 32.87 -24.95
CA SER A 466 2.81 32.56 -25.26
C SER A 466 3.10 31.08 -25.60
N ILE A 467 2.40 30.12 -24.99
CA ILE A 467 2.80 28.73 -25.20
C ILE A 467 2.25 28.10 -26.48
N GLU A 468 1.20 28.68 -27.04
CA GLU A 468 0.56 27.99 -28.15
C GLU A 468 1.38 28.09 -29.45
N THR A 469 2.34 29.01 -29.49
CA THR A 469 3.26 29.13 -30.62
C THR A 469 4.53 28.31 -30.41
N LYS A 470 4.88 28.08 -29.15
CA LYS A 470 6.06 27.29 -28.83
C LYS A 470 5.79 25.80 -29.13
N SER A 471 6.89 25.07 -29.38
CA SER A 471 6.90 23.63 -29.70
C SER A 471 8.30 23.08 -29.53
N GLY A 472 8.51 21.86 -30.04
CA GLY A 472 9.82 21.23 -30.03
C GLY A 472 10.62 21.40 -28.76
N SER A 473 11.94 21.49 -28.90
CA SER A 473 12.82 21.64 -27.74
C SER A 473 12.73 23.04 -27.17
N ASP A 474 12.15 23.95 -27.95
CA ASP A 474 11.91 25.29 -27.48
C ASP A 474 10.96 25.21 -26.30
N LEU A 475 9.86 24.50 -26.53
CA LEU A 475 8.79 24.37 -25.55
C LEU A 475 9.28 23.98 -24.17
N PHE A 476 10.27 23.10 -24.12
CA PHE A 476 10.81 22.70 -22.84
C PHE A 476 11.67 23.78 -22.30
N ASP A 477 12.46 24.38 -23.19
CA ASP A 477 13.34 25.49 -22.86
C ASP A 477 12.45 26.64 -22.41
N PHE A 478 11.27 26.70 -23.00
CA PHE A 478 10.23 27.62 -22.58
C PHE A 478 9.88 27.43 -21.10
N ILE A 479 9.23 26.33 -20.71
CA ILE A 479 8.70 26.26 -19.36
C ILE A 479 9.77 26.27 -18.24
N VAL A 480 11.05 26.18 -18.63
CA VAL A 480 12.10 26.36 -17.64
C VAL A 480 12.19 27.84 -17.27
N GLU A 481 11.96 28.68 -18.27
CA GLU A 481 11.83 30.12 -18.06
C GLU A 481 10.69 30.41 -17.11
N ASP A 482 9.57 29.72 -17.31
CA ASP A 482 8.33 30.15 -16.71
C ASP A 482 8.29 29.78 -15.25
N LEU A 483 9.05 28.74 -14.90
CA LEU A 483 9.07 28.23 -13.53
C LEU A 483 9.74 29.21 -12.60
N GLU A 484 10.43 30.16 -13.20
CA GLU A 484 11.02 31.23 -12.42
C GLU A 484 10.02 32.37 -12.34
N GLU A 485 9.46 32.76 -13.48
CA GLU A 485 8.33 33.69 -13.50
C GLU A 485 7.26 33.29 -12.47
N LEU A 486 6.89 32.00 -12.48
CA LEU A 486 5.95 31.43 -11.51
C LEU A 486 6.35 31.75 -10.08
N LYS A 487 7.55 31.31 -9.69
CA LYS A 487 8.05 31.55 -8.34
C LYS A 487 8.05 33.06 -8.04
N ARG A 488 8.23 33.86 -9.09
CA ARG A 488 8.38 35.29 -8.95
C ARG A 488 7.05 36.02 -8.75
N VAL A 489 6.01 35.58 -9.44
CA VAL A 489 4.73 36.27 -9.39
C VAL A 489 3.87 35.69 -8.30
N LEU A 490 4.22 34.49 -7.84
CA LEU A 490 3.40 33.76 -6.88
C LEU A 490 3.98 33.67 -5.48
N PHE A 491 5.30 33.75 -5.37
CA PHE A 491 5.94 33.64 -4.06
C PHE A 491 6.88 34.78 -3.70
N ASN A 492 6.49 36.02 -4.02
CA ASN A 492 7.25 37.21 -3.57
C ASN A 492 7.46 37.20 -2.11
N PRO A 493 8.39 38.02 -1.66
CA PRO A 493 8.38 38.19 -0.22
C PRO A 493 7.20 39.06 0.23
N THR A 494 6.53 39.75 -0.70
CA THR A 494 5.28 40.43 -0.37
C THR A 494 4.15 39.40 -0.17
N SER A 495 4.02 38.49 -1.13
CA SER A 495 3.03 37.42 -1.09
C SER A 495 3.12 36.58 0.19
N ILE A 496 4.32 36.14 0.51
CA ILE A 496 4.53 35.34 1.71
C ILE A 496 4.17 36.10 2.96
N ASP A 497 4.54 37.37 2.98
CA ASP A 497 4.24 38.19 4.12
C ASP A 497 2.74 38.26 4.25
N ALA A 498 2.06 38.35 3.11
CA ALA A 498 0.62 38.43 3.10
C ALA A 498 -0.01 37.14 3.62
N ILE A 499 0.50 36.00 3.14
CA ILE A 499 0.05 34.69 3.62
C ILE A 499 0.25 34.62 5.13
N MET A 500 1.42 35.00 5.60
CA MET A 500 1.74 34.79 7.00
C MET A 500 1.00 35.78 7.86
N ALA A 501 0.72 36.95 7.29
CA ALA A 501 0.05 37.99 8.05
C ALA A 501 -1.31 37.49 8.52
N GLY A 502 -2.01 36.78 7.64
CA GLY A 502 -3.28 36.20 8.01
C GLY A 502 -3.13 35.09 9.02
N MET A 503 -2.21 34.16 8.75
CA MET A 503 -2.03 32.98 9.61
C MET A 503 -1.52 33.31 11.00
N ASP A 504 -0.52 34.18 11.10
CA ASP A 504 -0.02 34.65 12.39
C ASP A 504 -1.10 35.31 13.23
N ALA A 505 -1.96 36.09 12.59
CA ALA A 505 -3.19 36.59 13.20
C ALA A 505 -4.14 35.55 13.79
N SER A 506 -4.06 34.30 13.31
CA SER A 506 -4.85 33.19 13.86
C SER A 506 -4.23 32.64 15.12
N ALA A 507 -2.90 32.54 15.07
CA ALA A 507 -2.14 31.99 16.18
C ALA A 507 -2.37 32.80 17.46
N TRP A 508 -2.03 34.08 17.33
CA TRP A 508 -2.27 35.12 18.33
C TRP A 508 -3.69 35.05 18.87
N LEU A 509 -4.66 35.12 17.97
CA LEU A 509 -6.06 35.12 18.34
C LEU A 509 -6.55 33.84 19.02
N ASN A 510 -5.86 32.73 18.78
CA ASN A 510 -6.28 31.47 19.39
C ASN A 510 -5.82 31.28 20.84
N GLU A 511 -4.54 31.57 21.11
CA GLU A 511 -4.00 31.38 22.46
C GLU A 511 -4.39 32.51 23.38
N HIS A 512 -4.25 33.75 22.92
CA HIS A 512 -4.62 34.87 23.75
C HIS A 512 -6.11 34.86 24.12
N ILE A 513 -6.94 34.19 23.33
CA ILE A 513 -8.35 34.19 23.70
C ILE A 513 -8.64 32.89 24.43
N TYR A 514 -7.65 32.02 24.45
CA TYR A 514 -7.71 30.90 25.37
C TYR A 514 -7.47 31.43 26.78
N GLN A 515 -6.40 32.23 26.91
CA GLN A 515 -5.84 32.66 28.20
C GLN A 515 -6.65 33.74 28.89
N TRP A 516 -7.55 34.39 28.18
CA TRP A 516 -8.37 35.40 28.83
C TRP A 516 -9.83 34.94 29.00
N LEU A 517 -10.41 34.31 27.98
CA LEU A 517 -11.83 33.94 28.07
C LEU A 517 -12.06 32.42 28.16
N GLY A 518 -10.98 31.66 27.95
CA GLY A 518 -11.03 30.21 28.05
C GLY A 518 -11.83 29.51 26.96
N GLU A 519 -11.68 29.96 25.71
CA GLU A 519 -12.37 29.34 24.58
C GLU A 519 -11.37 29.02 23.48
N LYS A 520 -11.25 27.74 23.11
CA LYS A 520 -10.17 27.36 22.21
C LYS A 520 -10.59 27.49 20.76
N ASN A 521 -9.62 27.70 19.87
CA ASN A 521 -9.84 27.73 18.43
C ASN A 521 -10.96 28.67 18.06
N VAL A 522 -10.93 29.87 18.62
CA VAL A 522 -11.95 30.86 18.30
C VAL A 522 -11.72 31.40 16.88
N ALA A 523 -10.50 31.24 16.38
CA ALA A 523 -10.12 31.75 15.06
C ALA A 523 -10.88 31.07 13.96
N ASP A 524 -11.52 29.94 14.24
CA ASP A 524 -12.28 29.23 13.22
C ASP A 524 -13.63 29.90 13.00
N LYS A 525 -14.32 30.19 14.10
CA LYS A 525 -15.58 30.93 14.04
C LYS A 525 -15.42 32.35 13.54
N LEU A 526 -14.26 32.96 13.78
CA LEU A 526 -14.06 34.37 13.39
C LEU A 526 -13.66 34.47 11.94
N SER A 527 -13.28 33.34 11.36
CA SER A 527 -12.78 33.28 9.98
C SER A 527 -13.88 33.07 8.95
N GLU A 528 -15.06 32.69 9.42
CA GLU A 528 -16.15 32.28 8.53
C GLU A 528 -16.64 33.35 7.55
N SER A 529 -16.92 32.89 6.34
CA SER A 529 -17.34 33.71 5.22
C SER A 529 -16.43 34.93 5.02
N ALA A 530 -15.14 34.72 5.21
CA ALA A 530 -14.18 35.78 5.00
C ALA A 530 -13.88 35.92 3.52
N PRO A 531 -13.80 37.16 3.02
CA PRO A 531 -13.63 37.48 1.60
C PRO A 531 -12.42 36.82 0.95
N ASN A 532 -12.49 36.76 -0.37
CA ASN A 532 -11.39 36.37 -1.24
C ASN A 532 -10.80 34.98 -1.08
N ASN A 533 -11.50 34.10 -0.38
CA ASN A 533 -11.01 32.75 -0.29
C ASN A 533 -11.28 32.02 -1.58
N ILE A 534 -10.23 31.74 -2.35
CA ILE A 534 -10.47 31.21 -3.69
C ILE A 534 -11.12 29.84 -3.71
N THR A 535 -10.82 28.99 -2.73
CA THR A 535 -11.37 27.64 -2.71
C THR A 535 -12.78 27.71 -2.19
N SER A 536 -12.98 28.59 -1.22
CA SER A 536 -14.27 28.68 -0.60
C SER A 536 -15.29 29.30 -1.54
N GLN A 537 -14.81 30.18 -2.43
CA GLN A 537 -15.63 30.70 -3.54
C GLN A 537 -16.10 29.59 -4.45
N MET A 538 -15.15 28.75 -4.83
CA MET A 538 -15.37 27.60 -5.68
C MET A 538 -16.44 26.66 -5.18
N TYR A 539 -16.46 26.37 -3.90
CA TYR A 539 -17.40 25.37 -3.43
C TYR A 539 -18.80 25.92 -3.44
N LEU A 540 -18.92 27.22 -3.25
CA LEU A 540 -20.20 27.87 -3.31
C LEU A 540 -20.74 27.81 -4.72
N GLU A 541 -19.87 28.03 -5.70
CA GLU A 541 -20.36 28.10 -7.03
C GLU A 541 -20.83 26.74 -7.50
N LEU A 542 -20.21 25.69 -6.98
CA LEU A 542 -20.60 24.35 -7.36
C LEU A 542 -21.87 23.95 -6.62
N LEU A 543 -22.23 24.73 -5.62
CA LEU A 543 -23.55 24.57 -5.03
C LEU A 543 -24.65 25.04 -5.99
N ASP A 544 -24.42 26.17 -6.67
CA ASP A 544 -25.33 26.69 -7.69
C ASP A 544 -25.51 25.81 -8.90
N VAL A 545 -24.42 25.19 -9.34
CA VAL A 545 -24.52 24.23 -10.42
C VAL A 545 -25.56 23.20 -10.02
N ALA A 546 -25.35 22.64 -8.83
CA ALA A 546 -26.26 21.67 -8.27
C ALA A 546 -27.68 22.20 -8.26
N ASP A 547 -27.82 23.49 -7.96
CA ASP A 547 -29.10 24.15 -7.85
C ASP A 547 -29.80 24.26 -9.21
N VAL A 548 -29.03 24.46 -10.26
CA VAL A 548 -29.59 24.50 -11.62
C VAL A 548 -30.24 23.16 -11.97
N ILE A 549 -29.60 22.06 -11.60
CA ILE A 549 -30.11 20.73 -11.91
C ILE A 549 -31.39 20.25 -11.13
N ARG A 550 -31.72 20.83 -9.98
CA ARG A 550 -32.87 20.30 -9.22
C ARG A 550 -34.24 20.44 -9.93
N PRO A 551 -34.48 21.54 -10.66
CA PRO A 551 -35.78 21.58 -11.32
C PRO A 551 -35.98 20.47 -12.36
N TYR A 552 -34.92 19.87 -12.86
CA TYR A 552 -35.06 19.01 -14.04
C TYR A 552 -34.69 17.56 -13.81
N PRO A 553 -35.65 16.73 -13.32
CA PRO A 553 -35.36 15.36 -12.86
C PRO A 553 -34.89 14.47 -13.99
N ALA A 554 -35.10 14.95 -15.21
CA ALA A 554 -34.48 14.40 -16.39
C ALA A 554 -32.97 14.33 -16.25
N VAL A 555 -32.29 15.48 -16.13
CA VAL A 555 -30.82 15.51 -16.03
C VAL A 555 -30.31 14.62 -14.90
N ARG A 556 -30.83 14.85 -13.71
CA ARG A 556 -30.21 14.27 -12.55
C ARG A 556 -30.27 12.78 -12.73
N ALA A 557 -31.34 12.28 -13.33
CA ALA A 557 -31.43 10.87 -13.65
C ALA A 557 -30.31 10.49 -14.62
N TYR A 558 -30.08 11.30 -15.65
CA TYR A 558 -29.01 11.02 -16.61
C TYR A 558 -27.64 10.96 -15.94
N LEU A 559 -27.12 12.12 -15.50
CA LEU A 559 -25.87 12.24 -14.77
C LEU A 559 -25.61 11.09 -13.81
N GLU A 560 -26.63 10.75 -13.01
CA GLU A 560 -26.56 9.58 -12.11
C GLU A 560 -26.18 8.28 -12.82
N GLN A 561 -26.46 8.18 -14.11
CA GLN A 561 -26.28 6.92 -14.81
C GLN A 561 -24.98 6.94 -15.61
N THR A 562 -24.77 8.05 -16.32
CA THR A 562 -23.82 8.10 -17.42
C THR A 562 -22.35 7.87 -17.01
N LYS A 563 -21.68 7.02 -17.78
CA LYS A 563 -20.27 6.74 -17.58
C LYS A 563 -19.54 7.18 -18.85
N ASN A 564 -20.20 8.09 -19.56
CA ASN A 564 -19.69 8.73 -20.76
C ASN A 564 -18.93 10.01 -20.43
N PRO A 565 -17.62 10.04 -20.72
CA PRO A 565 -16.77 11.24 -20.65
C PRO A 565 -17.25 12.42 -21.48
N ASP A 566 -18.07 12.17 -22.48
CA ASP A 566 -18.74 13.28 -23.14
C ASP A 566 -20.03 12.60 -22.78
N PHE A 567 -20.61 13.04 -21.67
CA PHE A 567 -22.01 13.14 -21.31
C PHE A 567 -22.46 14.56 -21.61
N MET A 568 -21.48 15.44 -21.72
CA MET A 568 -21.65 16.88 -21.86
C MET A 568 -22.30 17.38 -23.10
N ASN A 569 -21.99 16.77 -24.22
CA ASN A 569 -22.59 17.22 -25.47
C ASN A 569 -23.94 16.56 -25.69
N GLU A 570 -24.20 15.53 -24.88
CA GLU A 570 -25.52 14.92 -24.75
C GLU A 570 -26.39 15.60 -23.68
N LEU A 571 -26.28 16.90 -23.55
CA LEU A 571 -27.04 17.57 -22.49
C LEU A 571 -28.16 18.38 -23.06
N ALA A 572 -27.99 18.89 -24.27
CA ALA A 572 -29.06 19.70 -24.84
C ALA A 572 -30.20 18.84 -25.43
N THR A 573 -30.01 17.53 -25.47
CA THR A 573 -31.01 16.58 -25.91
C THR A 573 -32.16 16.68 -24.96
N LEU A 574 -31.87 16.83 -23.68
CA LEU A 574 -32.93 16.95 -22.70
C LEU A 574 -32.96 18.38 -22.25
N GLU A 575 -34.12 19.00 -22.31
CA GLU A 575 -34.23 20.39 -21.87
C GLU A 575 -34.41 20.42 -20.38
N GLY A 576 -34.60 19.26 -19.78
CA GLY A 576 -34.78 19.19 -18.35
C GLY A 576 -33.53 19.70 -17.67
N GLY A 577 -32.44 19.59 -18.41
CA GLY A 577 -31.13 20.11 -18.12
C GLY A 577 -30.89 21.02 -19.28
N ALA A 578 -29.64 21.10 -19.76
CA ALA A 578 -29.25 21.91 -20.90
C ALA A 578 -28.98 23.38 -20.60
N GLU A 579 -29.24 23.75 -19.36
CA GLU A 579 -28.96 25.05 -18.82
C GLU A 579 -27.87 24.48 -18.01
N THR A 580 -28.11 23.26 -17.58
CA THR A 580 -27.12 22.47 -16.89
C THR A 580 -25.78 22.65 -17.55
N LYS A 581 -25.78 22.64 -18.88
CA LYS A 581 -24.55 22.75 -19.63
C LYS A 581 -23.90 24.13 -19.57
N LYS A 582 -24.66 25.21 -19.75
CA LYS A 582 -24.04 26.53 -19.71
C LYS A 582 -23.50 26.78 -18.31
N ALA A 583 -24.03 26.05 -17.34
CA ALA A 583 -23.61 26.18 -15.96
C ALA A 583 -22.23 25.58 -15.79
N LEU A 584 -22.15 24.29 -16.10
CA LEU A 584 -20.91 23.52 -16.09
C LEU A 584 -19.77 24.19 -16.84
N GLU A 585 -20.07 24.76 -18.01
CA GLU A 585 -19.07 25.48 -18.78
C GLU A 585 -18.55 26.70 -18.03
N ASP A 586 -19.43 27.51 -17.43
CA ASP A 586 -18.93 28.68 -16.74
C ASP A 586 -18.04 28.22 -15.60
N TYR A 587 -18.48 27.21 -14.86
CA TYR A 587 -17.73 26.70 -13.70
C TYR A 587 -16.41 26.06 -14.09
N LEU A 588 -16.39 25.45 -15.26
CA LEU A 588 -15.18 24.78 -15.70
C LEU A 588 -14.15 25.77 -16.33
N GLN A 589 -14.56 27.02 -16.58
CA GLN A 589 -13.61 28.05 -17.03
C GLN A 589 -12.84 28.66 -15.88
N LYS A 590 -13.48 28.77 -14.72
CA LYS A 590 -12.86 29.34 -13.54
C LYS A 590 -12.20 28.27 -12.67
N TYR A 591 -12.59 27.00 -12.85
CA TYR A 591 -12.09 25.93 -11.96
C TYR A 591 -11.81 24.56 -12.60
N GLY A 592 -12.08 24.38 -13.90
CA GLY A 592 -11.89 23.07 -14.52
C GLY A 592 -10.49 22.45 -14.35
N MET A 593 -9.53 23.28 -13.98
CA MET A 593 -8.12 22.91 -13.82
C MET A 593 -7.74 22.40 -12.47
N ARG A 594 -8.72 22.01 -11.71
CA ARG A 594 -8.46 21.46 -10.41
C ARG A 594 -9.04 20.11 -10.33
N CYS A 595 -8.62 19.34 -9.37
CA CYS A 595 -9.11 18.02 -9.20
C CYS A 595 -8.66 17.62 -7.84
N ALA A 596 -8.98 16.43 -7.42
CA ALA A 596 -8.65 15.99 -6.09
C ALA A 596 -7.30 15.72 -6.66
N GLY A 597 -6.25 15.87 -5.88
CA GLY A 597 -4.93 15.62 -6.41
C GLY A 597 -4.22 16.41 -7.43
N GLU A 598 -4.49 17.69 -7.43
CA GLU A 598 -3.97 18.62 -8.39
C GLU A 598 -2.51 18.75 -8.40
N ILE A 599 -1.88 18.54 -7.26
CA ILE A 599 -0.45 18.71 -7.13
C ILE A 599 0.40 17.81 -7.99
N ASP A 600 -0.18 16.75 -8.51
CA ASP A 600 0.50 15.88 -9.42
C ASP A 600 -0.02 16.39 -10.74
N LEU A 601 0.86 16.91 -11.55
CA LEU A 601 0.49 17.48 -12.80
C LEU A 601 -0.10 16.43 -13.69
N THR A 602 0.31 15.21 -13.49
CA THR A 602 -0.16 14.09 -14.25
C THR A 602 -1.61 13.69 -14.02
N LYS A 603 -2.17 14.04 -12.88
CA LYS A 603 -3.52 13.67 -12.56
C LYS A 603 -4.53 14.30 -13.48
N THR A 604 -5.64 13.62 -13.71
CA THR A 604 -6.69 14.08 -14.59
C THR A 604 -7.51 15.15 -13.97
N ARG A 605 -7.66 16.25 -14.66
CA ARG A 605 -8.38 17.41 -14.21
C ARG A 605 -9.85 17.37 -14.40
N TRP A 606 -10.58 18.30 -13.82
CA TRP A 606 -12.02 18.34 -14.00
C TRP A 606 -12.44 18.70 -15.41
N ILE A 607 -11.83 19.71 -16.00
CA ILE A 607 -12.14 20.07 -17.37
C ILE A 607 -11.69 18.99 -18.36
N GLU A 608 -10.66 18.24 -18.01
CA GLU A 608 -10.27 17.09 -18.81
C GLU A 608 -11.34 15.96 -18.86
N ASN A 609 -11.71 15.42 -17.70
CA ASN A 609 -12.77 14.41 -17.64
C ASN A 609 -13.89 14.79 -16.68
N PRO A 610 -14.86 15.59 -17.16
CA PRO A 610 -15.96 16.18 -16.39
C PRO A 610 -16.77 15.17 -15.63
N LEU A 611 -16.66 13.92 -16.01
CA LEU A 611 -17.34 12.88 -15.28
C LEU A 611 -16.85 12.78 -13.80
N THR A 612 -15.66 13.28 -13.51
CA THR A 612 -15.06 13.19 -12.17
C THR A 612 -15.62 14.22 -11.19
N LEU A 613 -16.48 15.08 -11.73
CA LEU A 613 -17.08 16.17 -10.98
C LEU A 613 -18.53 15.83 -10.59
N ILE A 614 -19.18 15.05 -11.45
CA ILE A 614 -20.56 14.59 -11.27
C ILE A 614 -20.83 14.25 -9.81
N PRO A 615 -20.12 13.25 -9.26
CA PRO A 615 -20.46 12.78 -7.92
C PRO A 615 -20.61 13.87 -6.86
N LEU A 616 -19.91 15.00 -6.98
CA LEU A 616 -20.07 16.09 -6.02
C LEU A 616 -21.38 16.81 -6.23
N ILE A 617 -21.53 17.32 -7.45
CA ILE A 617 -22.79 17.86 -7.89
C ILE A 617 -23.95 17.04 -7.39
N LEU A 618 -23.86 15.74 -7.60
CA LEU A 618 -24.85 14.82 -7.06
C LEU A 618 -24.92 14.84 -5.55
N SER A 619 -23.78 14.83 -4.87
CA SER A 619 -23.81 14.74 -3.42
C SER A 619 -24.27 16.05 -2.77
N ASN A 620 -24.15 17.15 -3.51
CA ASN A 620 -24.64 18.44 -3.04
C ASN A 620 -26.15 18.39 -3.04
N ILE A 621 -26.72 17.90 -4.13
CA ILE A 621 -28.17 17.82 -4.26
C ILE A 621 -28.81 16.95 -3.20
N LYS A 622 -28.12 15.87 -2.83
CA LYS A 622 -28.67 14.97 -1.83
C LYS A 622 -28.64 15.59 -0.45
N ASN A 623 -27.61 16.37 -0.17
CA ASN A 623 -27.33 16.73 1.20
C ASN A 623 -27.50 18.21 1.50
N PHE A 624 -27.74 19.03 0.49
CA PHE A 624 -28.01 20.44 0.76
C PHE A 624 -29.38 20.89 0.27
N ASP A 625 -29.89 21.97 0.81
CA ASP A 625 -31.12 22.53 0.28
C ASP A 625 -30.76 23.51 -0.80
N SER A 626 -31.73 23.87 -1.62
CA SER A 626 -31.45 24.78 -2.73
C SER A 626 -31.08 26.11 -2.12
N SER A 627 -30.37 26.93 -2.91
CA SER A 627 -29.91 28.21 -2.42
C SER A 627 -29.28 28.08 -1.05
N ALA A 628 -28.04 27.61 -1.02
CA ALA A 628 -27.33 27.39 0.21
C ALA A 628 -26.01 28.11 0.09
N SER A 629 -25.67 28.46 -1.14
CA SER A 629 -24.66 29.47 -1.35
C SER A 629 -25.12 30.74 -0.64
N MET A 630 -26.36 31.16 -0.92
CA MET A 630 -26.90 32.39 -0.33
C MET A 630 -26.84 32.31 1.20
N HIS A 631 -27.46 31.27 1.76
CA HIS A 631 -27.63 31.17 3.21
C HIS A 631 -26.37 30.80 4.00
N LYS A 632 -25.62 29.81 3.53
CA LYS A 632 -24.45 29.35 4.27
C LYS A 632 -23.42 30.43 4.30
N PHE A 633 -23.40 31.29 3.28
CA PHE A 633 -22.49 32.43 3.33
C PHE A 633 -22.92 33.39 4.41
N ALA A 634 -24.07 34.02 4.20
CA ALA A 634 -24.67 34.90 5.19
C ALA A 634 -24.52 34.40 6.61
N GLN A 635 -24.98 33.18 6.91
CA GLN A 635 -24.92 32.69 8.29
C GLN A 635 -23.48 32.47 8.70
N GLY A 636 -22.58 32.47 7.73
CA GLY A 636 -21.17 32.51 8.03
C GLY A 636 -20.81 33.86 8.62
N GLU A 637 -21.27 34.93 7.97
CA GLU A 637 -20.94 36.29 8.38
C GLU A 637 -21.55 36.60 9.73
N LYS A 638 -22.87 36.60 9.77
CA LYS A 638 -23.62 36.93 10.97
C LYS A 638 -23.06 36.25 12.20
N GLU A 639 -22.49 35.06 12.03
CA GLU A 639 -22.01 34.29 13.16
C GLU A 639 -20.56 34.57 13.46
N ALA A 640 -19.86 35.13 12.49
CA ALA A 640 -18.48 35.49 12.72
C ALA A 640 -18.45 36.90 13.23
N PHE A 641 -19.59 37.56 13.18
CA PHE A 641 -19.67 38.96 13.56
C PHE A 641 -20.32 39.10 14.93
N HIS A 642 -21.09 38.10 15.29
CA HIS A 642 -21.69 38.07 16.61
C HIS A 642 -20.74 37.32 17.53
N LYS A 643 -19.77 36.63 16.97
CA LYS A 643 -18.74 36.03 17.79
C LYS A 643 -17.63 37.05 17.91
N GLU A 644 -17.64 38.04 17.03
CA GLU A 644 -16.69 39.13 17.15
C GLU A 644 -17.06 40.01 18.33
N GLN A 645 -18.34 40.32 18.47
CA GLN A 645 -18.74 41.22 19.55
C GLN A 645 -18.95 40.49 20.87
N GLU A 646 -19.28 39.20 20.82
CA GLU A 646 -19.36 38.42 22.05
C GLU A 646 -17.99 38.36 22.69
N ILE A 647 -16.95 38.10 21.91
CA ILE A 647 -15.59 38.21 22.43
C ILE A 647 -15.32 39.59 23.05
N LEU A 648 -15.39 40.62 22.24
CA LEU A 648 -14.92 41.95 22.64
C LEU A 648 -15.73 42.46 23.79
N ARG A 649 -17.03 42.23 23.76
CA ARG A 649 -17.88 42.69 24.85
C ARG A 649 -17.47 42.07 26.18
N ARG A 650 -17.15 40.77 26.13
CA ARG A 650 -16.75 39.98 27.29
C ARG A 650 -15.34 40.31 27.77
N LEU A 651 -14.51 40.79 26.85
CA LEU A 651 -13.12 41.13 27.17
C LEU A 651 -13.01 42.34 28.06
N GLN A 652 -13.82 43.36 27.77
CA GLN A 652 -13.69 44.59 28.54
C GLN A 652 -14.42 44.47 29.85
N GLU A 653 -14.64 43.26 30.27
CA GLU A 653 -15.21 43.07 31.57
C GLU A 653 -14.07 42.71 32.53
N LEU A 654 -12.83 42.77 32.06
CA LEU A 654 -11.70 42.42 32.88
C LEU A 654 -10.53 43.38 32.96
N PRO A 655 -9.49 42.92 33.76
CA PRO A 655 -8.37 43.84 33.89
C PRO A 655 -7.74 44.19 32.59
N ASP A 656 -7.43 45.44 32.40
CA ASP A 656 -6.80 45.89 31.20
C ASP A 656 -7.78 45.63 30.13
N GLY A 657 -9.00 45.48 30.57
CA GLY A 657 -10.11 45.23 29.65
C GLY A 657 -10.12 45.91 28.31
N GLU A 658 -10.19 47.24 28.32
CA GLU A 658 -10.27 47.98 27.07
C GLU A 658 -9.04 47.77 26.18
N GLN A 659 -7.86 47.54 26.78
CA GLN A 659 -6.67 47.34 25.96
C GLN A 659 -6.60 45.95 25.32
N LYS A 660 -7.09 44.91 25.99
CA LYS A 660 -7.13 43.60 25.35
C LYS A 660 -8.12 43.62 24.17
N ALA A 661 -9.35 44.03 24.43
CA ALA A 661 -10.35 44.06 23.37
C ALA A 661 -9.86 44.95 22.23
N MET A 662 -9.23 46.07 22.57
CA MET A 662 -8.63 46.93 21.56
C MET A 662 -7.58 46.11 20.84
N GLU A 663 -6.86 45.29 21.58
CA GLU A 663 -5.73 44.58 21.03
C GLU A 663 -6.22 43.55 19.99
N THR A 664 -7.29 42.82 20.30
CA THR A 664 -7.75 41.74 19.44
C THR A 664 -8.32 42.23 18.12
N LYS A 665 -9.08 43.32 18.17
CA LYS A 665 -9.77 43.86 17.00
C LYS A 665 -8.82 44.21 15.85
N GLU A 666 -7.57 44.57 16.12
CA GLU A 666 -6.65 44.75 15.00
C GLU A 666 -6.38 43.41 14.43
N LYS A 667 -6.21 42.44 15.32
CA LYS A 667 -5.92 41.07 14.92
C LYS A 667 -7.01 40.45 14.06
N ILE A 668 -8.26 40.56 14.50
CA ILE A 668 -9.36 40.10 13.66
C ILE A 668 -9.33 40.77 12.28
N ASP A 669 -9.13 42.08 12.23
CA ASP A 669 -9.10 42.78 10.95
C ASP A 669 -7.92 42.32 10.12
N ILE A 670 -6.83 41.93 10.76
CA ILE A 670 -5.74 41.37 10.00
C ILE A 670 -6.16 40.01 9.45
N LEU A 671 -6.86 39.26 10.31
CA LEU A 671 -7.28 37.90 10.00
C LEU A 671 -8.10 37.89 8.72
N ARG A 672 -9.22 38.60 8.75
CA ARG A 672 -10.20 38.52 7.68
C ARG A 672 -9.67 39.17 6.38
N HIS A 673 -8.72 40.09 6.55
CA HIS A 673 -8.12 40.73 5.41
C HIS A 673 -7.22 39.79 4.65
N PHE A 674 -6.49 38.93 5.35
CA PHE A 674 -5.46 38.13 4.68
C PHE A 674 -5.79 36.65 4.56
N ILE A 675 -6.72 36.19 5.39
CA ILE A 675 -6.94 34.77 5.54
C ILE A 675 -7.33 34.09 4.22
N GLY A 676 -8.00 34.82 3.33
CA GLY A 676 -8.53 34.22 2.12
C GLY A 676 -7.49 34.10 1.02
N TYR A 677 -6.42 34.88 1.18
CA TYR A 677 -5.32 34.86 0.23
C TYR A 677 -4.44 33.66 0.49
N ARG A 678 -4.48 33.16 1.72
CA ARG A 678 -3.77 31.96 2.09
C ARG A 678 -3.90 30.89 1.01
N GLU A 679 -5.09 30.85 0.46
CA GLU A 679 -5.47 29.84 -0.50
C GLU A 679 -5.11 30.18 -1.92
N TYR A 680 -4.71 31.41 -2.18
CA TYR A 680 -4.53 31.80 -3.57
C TYR A 680 -3.35 31.18 -4.31
N PRO A 681 -2.10 31.26 -3.77
CA PRO A 681 -0.94 30.81 -4.57
C PRO A 681 -1.03 29.38 -5.07
N LYS A 682 -1.59 28.46 -4.29
CA LYS A 682 -1.70 27.11 -4.79
C LYS A 682 -2.58 27.10 -6.03
N TYR A 683 -3.55 28.01 -6.07
CA TYR A 683 -4.46 28.06 -7.21
C TYR A 683 -3.74 28.71 -8.35
N GLY A 684 -2.96 29.71 -8.01
CA GLY A 684 -2.19 30.43 -9.00
C GLY A 684 -1.22 29.45 -9.59
N MET A 685 -0.78 28.49 -8.78
CA MET A 685 0.26 27.59 -9.21
C MET A 685 -0.28 26.49 -10.08
N ILE A 686 -1.31 25.79 -9.65
CA ILE A 686 -1.73 24.62 -10.40
C ILE A 686 -2.41 25.09 -11.67
N ASN A 687 -2.69 26.38 -11.73
CA ASN A 687 -3.26 26.96 -12.92
C ASN A 687 -2.22 26.95 -14.01
N ARG A 688 -1.00 27.34 -13.67
CA ARG A 688 0.13 27.27 -14.59
C ARG A 688 0.53 25.83 -14.92
N TYR A 689 0.53 24.95 -13.91
CA TYR A 689 0.71 23.51 -14.12
C TYR A 689 -0.13 22.99 -15.27
N PHE A 690 -1.40 23.38 -15.26
CA PHE A 690 -2.33 22.82 -16.22
C PHE A 690 -1.98 23.29 -17.61
N ILE A 691 -1.58 24.55 -17.73
CA ILE A 691 -1.14 25.13 -19.00
C ILE A 691 0.07 24.34 -19.51
N TYR A 692 1.07 24.15 -18.64
CA TYR A 692 2.22 23.28 -18.94
C TYR A 692 1.79 21.89 -19.38
N LYS A 693 0.88 21.30 -18.60
CA LYS A 693 0.49 19.92 -18.81
C LYS A 693 -0.02 19.70 -20.23
N LEU A 694 -0.61 20.75 -20.78
CA LEU A 694 -1.28 20.64 -22.06
C LEU A 694 -0.34 20.84 -23.22
N ALA A 695 0.50 21.85 -23.12
CA ALA A 695 1.58 21.99 -24.08
C ALA A 695 2.47 20.74 -24.02
N LEU A 696 2.77 20.29 -22.80
CA LEU A 696 3.52 19.04 -22.57
C LEU A 696 2.85 17.78 -23.14
N LEU A 697 1.57 17.88 -23.50
CA LEU A 697 0.88 16.72 -24.01
C LEU A 697 0.84 16.76 -25.54
N ARG A 698 0.88 17.97 -26.12
CA ARG A 698 1.09 18.19 -27.55
C ARG A 698 2.44 17.59 -28.00
N ALA A 699 3.50 18.00 -27.32
CA ALA A 699 4.82 17.41 -27.50
C ALA A 699 4.74 15.88 -27.52
N GLY A 700 4.09 15.29 -26.50
CA GLY A 700 3.94 13.85 -26.43
C GLY A 700 3.13 13.32 -27.60
N GLU A 701 2.05 14.03 -27.92
CA GLU A 701 1.17 13.66 -29.03
C GLU A 701 2.07 13.58 -30.25
N GLN A 702 2.89 14.62 -30.44
CA GLN A 702 3.76 14.72 -31.61
C GLN A 702 4.75 13.57 -31.61
N LEU A 703 5.37 13.33 -30.47
CA LEU A 703 6.37 12.26 -30.36
C LEU A 703 5.82 10.94 -30.87
N VAL A 704 4.56 10.64 -30.62
CA VAL A 704 3.99 9.38 -31.09
C VAL A 704 3.92 9.30 -32.59
N LYS A 705 3.56 10.41 -33.19
CA LYS A 705 3.43 10.55 -34.62
C LYS A 705 4.77 10.34 -35.25
N ASP A 706 5.80 10.80 -34.57
CA ASP A 706 7.17 10.71 -35.01
C ASP A 706 7.66 9.31 -34.85
N GLY A 707 6.95 8.51 -34.10
CA GLY A 707 7.34 7.14 -33.90
C GLY A 707 8.14 6.78 -32.68
N ILE A 708 8.60 7.78 -31.93
CA ILE A 708 9.34 7.55 -30.70
C ILE A 708 8.57 6.97 -29.51
N LEU A 709 7.34 7.42 -29.28
CA LEU A 709 6.58 6.92 -28.14
C LEU A 709 5.31 6.13 -28.45
N GLN A 710 5.10 5.03 -27.75
CA GLN A 710 3.94 4.20 -27.96
C GLN A 710 2.61 4.83 -27.63
N GLU A 711 2.54 5.54 -26.51
CA GLU A 711 1.32 6.17 -26.10
C GLU A 711 1.72 7.54 -25.74
N HIS A 712 0.87 8.51 -25.95
CA HIS A 712 1.35 9.86 -25.63
C HIS A 712 1.44 10.09 -24.13
N GLU A 713 0.73 9.31 -23.34
CA GLU A 713 0.77 9.52 -21.90
C GLU A 713 1.88 8.68 -21.29
N ASP A 714 2.85 8.29 -22.10
CA ASP A 714 3.93 7.45 -21.62
C ASP A 714 5.07 8.33 -21.11
N ILE A 715 4.79 9.62 -20.99
CA ILE A 715 5.71 10.59 -20.42
C ILE A 715 5.52 10.74 -18.92
N TYR A 716 4.37 10.34 -18.42
CA TYR A 716 4.15 10.55 -17.01
C TYR A 716 5.18 9.78 -16.21
N PHE A 717 5.96 8.96 -16.90
CA PHE A 717 6.92 8.14 -16.19
C PHE A 717 8.38 8.58 -16.39
N LEU A 718 8.57 9.66 -17.13
CA LEU A 718 9.86 10.34 -17.21
C LEU A 718 9.86 11.61 -16.34
N TYR A 719 10.95 11.85 -15.60
CA TYR A 719 11.18 13.12 -14.93
C TYR A 719 11.39 14.21 -15.97
N PHE A 720 11.49 15.47 -15.54
CA PHE A 720 11.46 16.56 -16.53
C PHE A 720 12.63 16.54 -17.50
N GLU A 721 13.82 16.31 -16.95
CA GLU A 721 15.06 16.36 -17.72
C GLU A 721 15.14 15.16 -18.63
N GLU A 722 14.90 13.97 -18.05
CA GLU A 722 14.78 12.72 -18.81
C GLU A 722 13.95 13.01 -20.04
N LEU A 723 12.78 13.58 -19.81
CA LEU A 723 11.88 13.85 -20.90
C LEU A 723 12.49 14.85 -21.83
N ARG A 724 12.93 15.98 -21.29
CA ARG A 724 13.40 17.12 -22.09
C ARG A 724 14.47 16.81 -23.13
N GLU A 725 15.26 15.79 -22.85
CA GLU A 725 16.27 15.43 -23.81
C GLU A 725 15.88 14.19 -24.58
N VAL A 726 14.58 14.05 -24.79
CA VAL A 726 14.05 13.05 -25.67
C VAL A 726 13.48 13.80 -26.85
N VAL A 727 13.09 15.05 -26.59
CA VAL A 727 12.58 15.88 -27.67
C VAL A 727 13.73 16.66 -28.33
N ARG A 728 14.92 16.52 -27.77
CA ARG A 728 16.09 17.13 -28.33
C ARG A 728 16.74 16.12 -29.24
N THR A 729 16.94 14.92 -28.71
CA THR A 729 17.50 13.81 -29.44
C THR A 729 16.41 12.83 -29.25
N GLY A 730 15.84 12.27 -30.32
CA GLY A 730 14.73 11.36 -30.14
C GLY A 730 15.00 9.95 -29.78
N GLN A 731 15.52 9.74 -28.59
CA GLN A 731 15.82 8.41 -28.09
C GLN A 731 15.30 8.19 -26.68
N VAL A 732 14.68 7.05 -26.45
CA VAL A 732 14.11 6.74 -25.14
C VAL A 732 14.48 5.34 -24.72
N ASP A 733 14.38 5.07 -23.42
CA ASP A 733 14.80 3.81 -22.87
C ASP A 733 13.61 3.17 -22.15
N TYR A 734 12.98 2.18 -22.78
CA TYR A 734 11.67 1.77 -22.31
C TYR A 734 11.64 0.78 -21.13
N GLU A 735 12.76 0.15 -20.74
CA GLU A 735 12.66 -0.59 -19.48
C GLU A 735 13.19 0.27 -18.36
N LEU A 736 13.42 1.53 -18.66
CA LEU A 736 13.37 2.52 -17.61
C LEU A 736 11.89 2.73 -17.32
N ILE A 737 11.24 3.33 -18.32
CA ILE A 737 9.80 3.53 -18.37
C ILE A 737 8.97 2.34 -17.85
N ASN A 738 9.32 1.11 -18.24
CA ASN A 738 8.52 -0.03 -17.80
C ASN A 738 8.75 -0.39 -16.33
N ALA A 739 9.98 -0.22 -15.84
CA ALA A 739 10.20 -0.48 -14.43
C ALA A 739 9.48 0.60 -13.64
N ARG A 740 9.52 1.81 -14.17
CA ARG A 740 8.82 2.92 -13.55
C ARG A 740 7.35 2.58 -13.35
N LYS A 741 6.66 2.18 -14.42
CA LYS A 741 5.27 1.75 -14.31
C LYS A 741 5.13 0.56 -13.37
N ARG A 742 5.98 -0.45 -13.56
CA ARG A 742 5.90 -1.66 -12.74
C ARG A 742 5.95 -1.26 -11.27
N ASP A 743 6.75 -0.24 -10.98
CA ASP A 743 6.96 0.19 -9.62
C ASP A 743 5.89 1.15 -9.13
N PHE A 744 5.43 2.02 -10.00
CA PHE A 744 4.36 2.93 -9.62
C PHE A 744 3.19 2.07 -9.20
N ALA A 745 3.01 0.97 -9.93
CA ALA A 745 2.05 -0.08 -9.61
C ALA A 745 2.25 -0.67 -8.22
N THR A 746 3.49 -0.97 -7.87
CA THR A 746 3.79 -1.56 -6.58
C THR A 746 3.55 -0.56 -5.47
N PHE A 747 3.67 0.72 -5.78
CA PHE A 747 3.17 1.73 -4.85
C PHE A 747 2.18 2.78 -4.38
N GLU A 748 0.90 2.67 -4.69
CA GLU A 748 -0.56 2.55 -4.82
C GLU A 748 -1.12 1.47 -3.89
N LYS A 749 -0.45 0.32 -3.83
CA LYS A 749 -0.72 -0.68 -2.81
C LYS A 749 -0.27 -0.23 -1.43
N LEU A 750 0.57 0.81 -1.38
CA LEU A 750 1.23 1.27 -0.16
C LEU A 750 0.62 2.51 0.45
N THR A 751 0.60 2.58 1.77
CA THR A 751 -0.04 3.72 2.41
C THR A 751 0.92 4.40 3.37
N PRO A 752 1.47 5.55 2.94
CA PRO A 752 2.58 6.32 3.53
C PRO A 752 2.31 6.69 4.96
N PRO A 753 3.34 6.75 5.79
CA PRO A 753 3.12 7.14 7.18
C PRO A 753 3.05 8.66 7.33
N ARG A 754 2.66 9.14 8.50
CA ARG A 754 2.78 10.55 8.70
C ARG A 754 4.23 10.84 9.02
N ILE A 755 4.91 9.81 9.51
CA ILE A 755 6.33 9.90 9.84
C ILE A 755 7.13 8.66 9.41
N LEU A 756 8.06 8.84 8.48
CA LEU A 756 8.94 7.75 8.07
C LEU A 756 10.28 7.89 8.75
N THR A 757 10.93 6.78 8.96
CA THR A 757 12.14 6.80 9.74
C THR A 757 13.31 6.26 8.94
N SER A 758 14.46 6.89 9.11
CA SER A 758 15.73 6.40 8.58
C SER A 758 15.86 4.88 8.60
N ASP A 759 15.19 4.25 9.57
CA ASP A 759 15.12 2.80 9.68
C ASP A 759 13.81 2.19 9.21
N GLY A 760 13.09 2.90 8.35
CA GLY A 760 11.91 2.34 7.70
C GLY A 760 10.64 2.33 8.54
N GLU A 761 10.74 2.90 9.73
CA GLU A 761 9.70 2.77 10.72
C GLU A 761 8.49 3.58 10.32
N MET A 762 7.32 3.00 10.53
CA MET A 762 6.09 3.67 10.17
C MET A 762 5.42 4.24 11.40
N ILE A 763 5.27 5.56 11.47
CA ILE A 763 4.65 6.11 12.66
C ILE A 763 3.37 6.83 12.35
N ASN A 764 2.30 6.28 12.96
CA ASN A 764 0.93 6.74 12.83
C ASN A 764 0.53 6.73 11.35
N PRO A 773 -7.01 -4.57 30.91
CA PRO A 773 -7.38 -4.13 32.26
C PRO A 773 -8.88 -4.25 32.54
N LYS A 774 -9.71 -4.00 31.53
CA LYS A 774 -11.19 -3.97 31.64
C LYS A 774 -11.83 -5.36 31.57
N ASP A 775 -11.52 -6.23 32.54
CA ASP A 775 -11.97 -7.63 32.51
C ASP A 775 -11.50 -8.27 31.19
N ALA A 776 -10.19 -8.21 30.96
CA ALA A 776 -9.64 -8.24 29.62
C ALA A 776 -8.98 -9.55 29.21
N ILE A 777 -9.28 -10.03 28.02
CA ILE A 777 -8.68 -11.25 27.53
C ILE A 777 -7.39 -10.99 26.75
N LEU A 778 -6.29 -11.49 27.26
CA LEU A 778 -4.99 -11.31 26.63
C LEU A 778 -4.70 -12.18 25.43
N GLY A 779 -3.93 -11.64 24.50
CA GLY A 779 -3.58 -12.31 23.25
C GLY A 779 -2.25 -11.82 22.67
N LEU A 780 -2.12 -11.91 21.35
CA LEU A 780 -0.94 -11.45 20.63
C LEU A 780 -1.41 -10.28 19.78
N PRO A 781 -0.74 -9.06 19.93
CA PRO A 781 -1.30 -7.96 19.11
C PRO A 781 -1.33 -8.14 17.61
N VAL A 782 -0.27 -8.49 16.91
CA VAL A 782 -0.43 -8.83 15.47
C VAL A 782 -0.75 -7.62 14.54
N SER A 783 -1.84 -6.88 14.76
CA SER A 783 -2.27 -5.86 13.79
C SER A 783 -3.04 -4.69 14.43
N SER A 784 -2.65 -3.46 14.12
CA SER A 784 -3.06 -2.30 14.93
C SER A 784 -4.48 -1.72 14.67
N GLY A 785 -5.11 -1.18 15.71
CA GLY A 785 -6.44 -0.56 15.58
C GLY A 785 -7.46 -0.83 16.68
N THR A 786 -8.75 -0.63 16.37
CA THR A 786 -9.88 -0.92 17.27
C THR A 786 -11.22 -0.91 16.55
N VAL A 787 -12.02 -1.97 16.66
CA VAL A 787 -13.35 -1.99 16.00
C VAL A 787 -14.38 -2.73 16.84
N GLU A 788 -15.64 -2.80 16.39
CA GLU A 788 -16.71 -3.49 17.13
C GLU A 788 -17.81 -4.09 16.24
N GLY A 789 -18.47 -5.11 16.78
CA GLY A 789 -19.47 -5.81 16.03
C GLY A 789 -19.92 -7.20 16.46
N ARG A 790 -19.94 -8.09 15.47
CA ARG A 790 -20.42 -9.46 15.46
C ARG A 790 -19.67 -10.67 16.04
N ALA A 791 -20.28 -11.85 15.89
CA ALA A 791 -19.86 -13.16 16.39
C ALA A 791 -18.96 -14.21 15.67
N ARG A 792 -18.75 -15.31 16.39
CA ARG A 792 -17.91 -16.41 15.95
C ARG A 792 -18.50 -17.20 14.80
N VAL A 793 -17.65 -17.73 13.95
CA VAL A 793 -18.08 -18.58 12.87
C VAL A 793 -17.22 -19.78 13.12
N ILE A 794 -17.85 -20.94 13.17
CA ILE A 794 -17.20 -22.20 13.56
C ILE A 794 -15.99 -22.60 12.73
N LEU A 795 -16.02 -22.42 11.43
CA LEU A 795 -17.16 -21.92 10.73
C LEU A 795 -17.06 -22.81 9.55
N GLU A 796 -18.19 -23.17 8.99
CA GLU A 796 -18.15 -24.00 7.83
C GLU A 796 -17.89 -22.93 6.79
N MET A 797 -16.64 -22.70 6.50
CA MET A 797 -16.28 -21.70 5.53
C MET A 797 -16.87 -22.16 4.22
N GLU A 798 -16.81 -23.47 4.00
CA GLU A 798 -17.29 -24.09 2.79
C GLU A 798 -18.77 -23.74 2.60
N LYS A 799 -19.50 -23.69 3.70
CA LYS A 799 -20.90 -23.33 3.65
C LYS A 799 -20.98 -22.29 4.74
N ALA A 800 -20.34 -21.16 4.50
CA ALA A 800 -20.23 -20.10 5.48
C ALA A 800 -21.08 -18.87 5.22
N ASP A 801 -21.80 -18.43 6.23
CA ASP A 801 -22.64 -17.26 6.07
C ASP A 801 -22.05 -16.12 6.89
N LEU A 802 -21.63 -15.06 6.21
CA LEU A 802 -21.02 -13.88 6.82
C LEU A 802 -21.96 -12.69 6.80
N GLU A 803 -21.46 -11.54 7.22
CA GLU A 803 -22.35 -10.43 7.33
C GLU A 803 -21.55 -9.17 7.50
N ASP A 804 -22.07 -8.04 7.06
CA ASP A 804 -21.33 -6.79 7.19
C ASP A 804 -21.23 -6.27 8.61
N GLY A 805 -20.21 -5.45 8.83
CA GLY A 805 -19.97 -4.85 10.11
C GLY A 805 -19.67 -5.87 11.19
N ASP A 806 -19.03 -6.99 10.86
CA ASP A 806 -18.56 -7.90 11.90
C ASP A 806 -17.19 -8.52 12.14
N ILE A 807 -16.77 -8.63 13.41
CA ILE A 807 -15.48 -9.19 13.77
C ILE A 807 -15.51 -10.72 13.59
N LEU A 808 -14.40 -11.36 13.23
CA LEU A 808 -14.38 -12.80 13.01
C LEU A 808 -13.66 -13.53 14.13
N VAL A 809 -14.07 -14.77 14.41
CA VAL A 809 -13.37 -15.58 15.41
C VAL A 809 -13.55 -17.04 14.89
N THR A 810 -12.53 -17.64 14.27
CA THR A 810 -12.29 -19.08 14.22
C THR A 810 -11.10 -19.36 15.12
N ALA A 811 -10.66 -20.62 15.18
CA ALA A 811 -9.33 -20.92 15.65
C ALA A 811 -8.03 -21.28 14.94
N TYR A 812 -8.16 -22.03 13.85
CA TYR A 812 -7.53 -22.20 12.54
C TYR A 812 -7.99 -21.29 11.38
N THR A 813 -7.03 -20.75 10.65
CA THR A 813 -7.23 -19.70 9.63
C THR A 813 -6.12 -20.32 8.79
N ASP A 814 -6.29 -20.33 7.46
CA ASP A 814 -5.23 -20.57 6.49
C ASP A 814 -5.64 -20.03 5.11
N PRO A 815 -4.77 -19.96 4.13
CA PRO A 815 -5.05 -19.25 2.90
C PRO A 815 -6.36 -19.61 2.27
N SER A 816 -6.94 -20.72 2.67
CA SER A 816 -8.18 -21.16 2.10
C SER A 816 -9.22 -20.05 2.15
N TRP A 817 -9.18 -19.22 3.19
CA TRP A 817 -10.13 -18.14 3.29
C TRP A 817 -9.57 -16.80 2.86
N THR A 818 -8.41 -16.74 2.23
CA THR A 818 -7.87 -15.41 1.97
C THR A 818 -8.82 -14.56 1.13
N PRO A 819 -9.31 -15.13 0.02
CA PRO A 819 -10.33 -14.72 -0.94
C PRO A 819 -11.74 -14.91 -0.41
N ALA A 820 -11.97 -14.54 0.85
CA ALA A 820 -13.31 -14.64 1.42
C ALA A 820 -13.82 -13.59 2.40
N PHE A 821 -12.99 -12.66 2.85
CA PHE A 821 -13.31 -11.90 4.07
C PHE A 821 -13.33 -10.38 4.10
N VAL A 822 -13.36 -9.78 2.92
CA VAL A 822 -13.25 -8.34 2.82
C VAL A 822 -14.13 -7.70 3.87
N SER A 823 -15.35 -8.22 3.99
CA SER A 823 -16.38 -7.62 4.83
C SER A 823 -16.01 -7.46 6.31
N ILE A 824 -14.87 -7.96 6.72
CA ILE A 824 -14.53 -7.98 8.14
C ILE A 824 -13.95 -6.61 8.61
N LYS A 825 -14.20 -6.25 9.87
CA LYS A 825 -13.57 -5.09 10.50
C LYS A 825 -12.44 -5.45 11.47
N GLY A 826 -12.45 -6.69 11.96
CA GLY A 826 -11.46 -7.15 12.91
C GLY A 826 -11.41 -8.66 13.04
N LEU A 827 -10.27 -9.20 13.43
CA LEU A 827 -10.09 -10.65 13.48
C LEU A 827 -9.56 -11.09 14.83
N VAL A 828 -10.00 -12.27 15.29
CA VAL A 828 -9.46 -12.89 16.49
C VAL A 828 -9.48 -14.39 16.31
N THR A 829 -8.37 -15.06 16.58
CA THR A 829 -8.27 -16.50 16.37
C THR A 829 -7.61 -17.20 17.54
N GLU A 830 -7.96 -18.45 17.75
CA GLU A 830 -7.30 -19.23 18.77
C GLU A 830 -5.84 -19.43 18.40
N VAL A 831 -5.56 -19.92 17.20
CA VAL A 831 -4.18 -20.23 16.85
C VAL A 831 -3.40 -18.93 16.79
N GLY A 832 -2.09 -19.06 16.97
CA GLY A 832 -1.19 -17.94 17.24
C GLY A 832 0.05 -18.03 16.37
N GLY A 833 1.01 -17.12 16.60
CA GLY A 833 2.00 -16.76 15.60
C GLY A 833 1.65 -15.49 14.81
N LEU A 834 2.52 -14.49 14.82
CA LEU A 834 2.23 -13.21 14.17
C LEU A 834 2.56 -13.24 12.69
N MET A 835 3.12 -14.33 12.22
CA MET A 835 3.25 -14.54 10.79
C MET A 835 2.39 -15.72 10.32
N THR A 836 1.34 -16.04 11.08
CA THR A 836 0.29 -16.93 10.58
C THR A 836 -0.45 -16.27 9.40
N HIS A 837 -1.46 -16.94 8.85
CA HIS A 837 -2.26 -16.31 7.80
C HIS A 837 -3.08 -15.20 8.43
N GLY A 838 -3.77 -15.49 9.52
CA GLY A 838 -4.62 -14.49 10.14
C GLY A 838 -3.91 -13.14 10.24
N ALA A 839 -2.71 -13.19 10.78
CA ALA A 839 -1.89 -12.00 10.89
C ALA A 839 -1.61 -11.33 9.55
N VAL A 840 -0.85 -11.97 8.67
CA VAL A 840 -0.28 -11.27 7.50
C VAL A 840 -1.32 -10.67 6.57
N ILE A 841 -2.50 -11.29 6.51
CA ILE A 841 -3.55 -10.77 5.66
C ILE A 841 -4.38 -9.72 6.39
N ALA A 842 -4.69 -9.93 7.65
CA ALA A 842 -5.34 -8.86 8.41
C ALA A 842 -4.49 -7.61 8.44
N ARG A 843 -3.17 -7.79 8.38
CA ARG A 843 -2.26 -6.65 8.40
C ARG A 843 -2.30 -5.90 7.07
N GLU A 844 -2.61 -6.59 5.98
CA GLU A 844 -2.68 -5.91 4.69
C GLU A 844 -4.03 -5.21 4.48
N TYR A 845 -5.14 -5.91 4.78
CA TYR A 845 -6.49 -5.35 4.72
C TYR A 845 -6.72 -4.24 5.76
N GLY A 846 -5.78 -4.02 6.68
CA GLY A 846 -5.84 -2.91 7.61
C GLY A 846 -6.73 -3.09 8.83
N LEU A 847 -7.23 -4.31 9.01
CA LEU A 847 -8.02 -4.67 10.17
C LEU A 847 -7.17 -4.82 11.43
N PRO A 848 -7.67 -4.32 12.57
CA PRO A 848 -7.01 -4.69 13.82
C PRO A 848 -7.36 -6.13 14.16
N ALA A 849 -6.40 -6.88 14.68
CA ALA A 849 -6.62 -8.30 14.90
C ALA A 849 -5.66 -8.89 15.93
N VAL A 850 -6.22 -9.64 16.89
CA VAL A 850 -5.46 -10.36 17.92
C VAL A 850 -5.51 -11.88 17.76
N VAL A 851 -4.39 -12.57 17.86
CA VAL A 851 -4.40 -14.04 17.74
C VAL A 851 -3.75 -14.72 18.96
N GLY A 852 -3.89 -16.02 19.07
CA GLY A 852 -3.34 -16.68 20.24
C GLY A 852 -4.19 -16.61 21.47
N VAL A 853 -5.44 -16.17 21.38
CA VAL A 853 -6.28 -16.10 22.57
C VAL A 853 -6.58 -17.48 23.05
N GLU A 854 -6.73 -17.62 24.34
CA GLU A 854 -6.85 -18.90 24.96
C GLU A 854 -7.93 -19.81 24.54
N ASN A 855 -9.15 -19.34 24.42
CA ASN A 855 -10.22 -20.23 24.05
C ASN A 855 -11.29 -19.43 23.42
N ALA A 856 -10.91 -18.51 22.59
CA ALA A 856 -11.86 -17.57 22.07
C ALA A 856 -13.11 -18.15 21.46
N THR A 857 -13.02 -19.25 20.74
CA THR A 857 -14.19 -19.80 20.12
C THR A 857 -15.20 -20.06 21.19
N THR A 858 -14.71 -20.49 22.33
CA THR A 858 -15.48 -20.77 23.49
C THR A 858 -15.05 -19.56 24.26
N ILE A 859 -15.80 -19.14 25.25
CA ILE A 859 -15.43 -17.97 26.03
C ILE A 859 -15.91 -16.65 25.42
N ILE A 860 -16.48 -16.70 24.23
CA ILE A 860 -17.05 -15.51 23.62
C ILE A 860 -18.30 -16.19 23.13
N LYS A 861 -19.23 -16.31 24.03
CA LYS A 861 -20.47 -16.98 23.72
C LYS A 861 -21.44 -16.40 22.72
N ASP A 862 -22.03 -17.37 22.04
CA ASP A 862 -23.15 -17.24 21.12
C ASP A 862 -23.10 -16.22 20.02
N GLY A 863 -21.93 -16.00 19.45
CA GLY A 863 -21.86 -15.07 18.35
C GLY A 863 -22.51 -13.75 18.65
N GLN A 864 -22.19 -13.15 19.79
CA GLN A 864 -22.75 -11.86 20.09
C GLN A 864 -22.38 -10.44 19.69
N GLN A 865 -21.35 -9.94 20.32
CA GLN A 865 -20.41 -8.86 19.97
C GLN A 865 -19.37 -8.51 21.01
N ILE A 866 -18.52 -7.56 20.65
CA ILE A 866 -17.18 -7.43 21.22
C ILE A 866 -16.50 -6.11 20.82
N ARG A 867 -15.44 -5.74 21.56
CA ARG A 867 -14.49 -4.71 21.13
C ARG A 867 -13.06 -5.22 21.25
N ILE A 868 -12.32 -5.12 20.14
CA ILE A 868 -10.92 -5.54 20.10
C ILE A 868 -10.02 -4.36 19.76
N ASN A 869 -8.78 -4.44 20.20
CA ASN A 869 -7.74 -3.53 19.73
C ASN A 869 -6.43 -4.29 19.57
N GLY A 870 -5.60 -3.89 18.62
CA GLY A 870 -4.46 -4.68 18.21
C GLY A 870 -3.09 -4.05 18.38
N THR A 871 -3.04 -2.80 18.79
CA THR A 871 -1.76 -2.15 19.08
C THR A 871 -1.22 -2.76 20.36
N GLU A 872 -2.13 -3.14 21.24
CA GLU A 872 -1.87 -4.09 22.32
C GLU A 872 -2.77 -5.31 22.08
N GLY A 873 -2.55 -6.42 22.79
CA GLY A 873 -3.30 -7.64 22.47
C GLY A 873 -4.56 -8.03 23.25
N TYR A 874 -5.58 -7.17 23.33
CA TYR A 874 -6.73 -7.52 24.18
C TYR A 874 -8.12 -7.49 23.51
N ILE A 875 -9.12 -8.00 24.23
CA ILE A 875 -10.41 -8.41 23.67
C ILE A 875 -11.51 -8.31 24.73
N GLU A 876 -12.55 -7.48 24.56
CA GLU A 876 -13.59 -7.46 25.60
C GLU A 876 -15.06 -7.31 25.25
N ILE A 877 -15.84 -7.54 26.31
CA ILE A 877 -17.29 -7.64 26.28
C ILE A 877 -18.02 -6.32 26.10
N LEU A 878 -18.89 -6.26 25.10
CA LEU A 878 -19.97 -5.28 25.06
C LEU A 878 -21.28 -5.98 24.67
PG ANP B . 4.33 -21.60 -0.11
O1G ANP B . 5.75 -21.63 0.36
O2G ANP B . 4.33 -21.70 -1.67
O3G ANP B . 3.69 -20.23 0.34
PB ANP B . 4.02 -23.33 2.14
O1B ANP B . 3.97 -22.11 3.01
O2B ANP B . 3.05 -24.43 2.66
N3B ANP B . 3.50 -22.94 0.57
PA ANP B . 5.72 -25.22 1.46
O1A ANP B . 7.05 -25.46 0.89
O2A ANP B . 4.62 -25.23 0.41
O3A ANP B . 5.50 -23.82 2.13
O5' ANP B . 5.41 -26.26 2.59
C5' ANP B . 6.46 -27.00 3.15
C4' ANP B . 6.36 -26.93 4.65
O4' ANP B . 7.22 -27.93 5.20
C3' ANP B . 6.85 -25.64 5.27
O3' ANP B . 6.38 -25.53 6.62
C2' ANP B . 8.36 -25.84 5.26
O2' ANP B . 8.95 -25.10 6.31
C1' ANP B . 8.47 -27.36 5.51
N9 ANP B . 9.48 -28.00 4.68
C8 ANP B . 9.68 -27.80 3.35
N7 ANP B . 10.66 -28.53 2.85
C5 ANP B . 11.11 -29.26 3.92
C6 ANP B . 12.12 -30.22 4.07
N6 ANP B . 12.92 -30.62 3.05
N1 ANP B . 12.32 -30.77 5.29
C2 ANP B . 11.55 -30.39 6.30
N3 ANP B . 10.55 -29.49 6.29
C4 ANP B . 10.39 -28.97 5.08
MG MG C . 6.32 -22.04 2.41
#